data_2GQD
#
_entry.id   2GQD
#
_cell.length_a   78.397
_cell.length_b   78.397
_cell.length_c   231.269
_cell.angle_alpha   90.00
_cell.angle_beta   90.00
_cell.angle_gamma   120.00
#
_symmetry.space_group_name_H-M   'P 65'
#
loop_
_entity.id
_entity.type
_entity.pdbx_description
1 polymer '3-oxoacyl-[acyl-carrier-protein] synthase 2'
2 water water
#
_entity_poly.entity_id   1
_entity_poly.type   'polypeptide(L)'
_entity_poly.pdbx_seq_one_letter_code
;MGSSHHHHHHSSGLVPRGSHMLEMSQNKRVVITGMGALSPIGNDVKTTWENALKGVNGIDKITRIDTEPYSVHLAGELKN
FNIEDHIDKKEARRMDRFTQYAIVAAREAVKDAQLDINENTADRIGVWIGSGIGGMETFEIAHKQLMDKGPRRVSPFFVP
MLIPDMATGQVSIDLGAKGPNGATVTACATGTNSIGEAFKIVQRGDADAMITGGTEAPITHMAIAGFSASRALSTNDDIE
TACRPFQEGRDGFVMGEGAGILVIESLESAQARGANIYAEIVGYGTTGDAYHITAPAPEGEGGSRAMQAAMDDAGIEPKD
VQYLNAHGTSTPVGDLNEVKAIKNTFGEAAKHLKVSSTKSMTGHLLGATGGIEAIFSALSIKDSKVAPTIHAVTPDPECD
LDIVPNEAQDLDITYAMSNSLGFGGHNAVLVFKKFEA
;
_entity_poly.pdbx_strand_id   A,B
#
# COMPACT_ATOMS: atom_id res chain seq x y z
N ASN A 27 5.02 19.62 16.64
CA ASN A 27 4.74 19.13 15.25
C ASN A 27 5.73 19.74 14.26
N LYS A 28 6.69 18.94 13.82
CA LYS A 28 7.80 19.42 12.99
C LYS A 28 7.40 19.82 11.56
N ARG A 29 8.17 20.76 11.02
CA ARG A 29 7.98 21.27 9.67
C ARG A 29 8.69 20.36 8.68
N VAL A 30 8.03 20.04 7.58
CA VAL A 30 8.55 19.08 6.59
C VAL A 30 8.83 19.79 5.28
N VAL A 31 10.07 19.65 4.79
CA VAL A 31 10.50 20.36 3.59
C VAL A 31 10.97 19.40 2.50
N ILE A 32 10.86 19.83 1.23
CA ILE A 32 11.32 19.04 0.11
C ILE A 32 12.74 19.47 -0.24
N THR A 33 13.69 18.54 -0.15
CA THR A 33 15.08 18.86 -0.42
C THR A 33 15.59 18.21 -1.71
N GLY A 34 14.84 17.25 -2.24
CA GLY A 34 15.28 16.57 -3.45
C GLY A 34 14.13 16.05 -4.30
N MET A 35 14.38 15.92 -5.60
CA MET A 35 13.41 15.41 -6.55
C MET A 35 14.08 14.51 -7.56
N GLY A 36 13.35 13.49 -8.01
CA GLY A 36 13.84 12.56 -9.02
C GLY A 36 12.68 12.16 -9.90
N ALA A 37 12.90 12.12 -11.21
CA ALA A 37 11.81 11.80 -12.15
C ALA A 37 12.25 11.09 -13.42
N LEU A 38 11.40 10.16 -13.87
CA LEU A 38 11.51 9.55 -15.18
C LEU A 38 10.11 9.67 -15.75
N SER A 39 9.97 10.37 -16.87
CA SER A 39 8.65 10.62 -17.45
C SER A 39 8.65 10.51 -18.98
N PRO A 40 7.45 10.49 -19.60
CA PRO A 40 7.36 10.46 -21.06
C PRO A 40 7.95 11.71 -21.73
N ILE A 41 8.17 12.76 -20.94
CA ILE A 41 8.73 14.02 -21.45
C ILE A 41 10.08 14.38 -20.83
N GLY A 42 10.83 13.37 -20.39
CA GLY A 42 12.15 13.62 -19.82
C GLY A 42 12.66 12.54 -18.88
N ASN A 43 13.94 12.23 -18.98
CA ASN A 43 14.55 11.18 -18.16
C ASN A 43 15.23 11.69 -16.90
N ASP A 44 14.89 12.92 -16.52
CA ASP A 44 15.33 13.52 -15.25
C ASP A 44 14.46 14.72 -14.95
N VAL A 45 14.57 15.26 -13.74
CA VAL A 45 13.68 16.34 -13.31
C VAL A 45 13.67 17.57 -14.23
N LYS A 46 14.84 18.15 -14.52
CA LYS A 46 14.82 19.39 -15.31
C LYS A 46 14.52 19.20 -16.79
N THR A 47 14.85 18.03 -17.38
CA THR A 47 14.36 17.76 -18.73
C THR A 47 12.84 17.75 -18.67
N THR A 48 12.31 16.91 -17.79
CA THR A 48 10.87 16.78 -17.57
C THR A 48 10.19 18.12 -17.34
N TRP A 49 10.75 18.93 -16.43
CA TRP A 49 10.17 20.22 -16.09
C TRP A 49 10.25 21.26 -17.21
N GLU A 50 11.44 21.40 -17.81
CA GLU A 50 11.63 22.33 -18.91
C GLU A 50 10.71 22.00 -20.07
N ASN A 51 10.70 20.73 -20.47
CA ASN A 51 9.81 20.22 -21.52
C ASN A 51 8.34 20.44 -21.18
N ALA A 52 8.02 20.41 -19.89
CA ALA A 52 6.65 20.63 -19.42
C ALA A 52 6.20 22.07 -19.63
N LEU A 53 7.14 23.01 -19.53
CA LEU A 53 6.83 24.41 -19.73
C LEU A 53 6.81 24.79 -21.20
N LYS A 54 7.29 23.88 -22.05
CA LYS A 54 7.25 24.10 -23.49
C LYS A 54 6.09 23.33 -24.12
N GLY A 55 5.27 22.71 -23.28
CA GLY A 55 4.10 21.96 -23.72
C GLY A 55 4.41 20.76 -24.58
N VAL A 56 5.48 20.04 -24.25
CA VAL A 56 5.89 18.87 -25.03
C VAL A 56 4.92 17.69 -24.86
N ASN A 57 4.81 16.88 -25.91
CA ASN A 57 3.91 15.73 -25.94
C ASN A 57 4.67 14.42 -25.70
N GLY A 58 4.28 13.69 -24.65
CA GLY A 58 4.92 12.43 -24.32
C GLY A 58 4.25 11.22 -24.96
N ILE A 59 3.02 11.41 -25.43
CA ILE A 59 2.23 10.32 -26.01
C ILE A 59 2.69 10.03 -27.44
N ASP A 60 2.76 8.74 -27.78
CA ASP A 60 3.13 8.30 -29.12
C ASP A 60 2.80 6.83 -29.32
N LYS A 61 2.92 6.34 -30.55
CA LYS A 61 2.67 4.94 -30.87
C LYS A 61 3.44 4.01 -29.94
N ILE A 62 2.75 3.01 -29.41
CA ILE A 62 3.38 2.04 -28.51
C ILE A 62 4.43 1.23 -29.25
N THR A 63 5.65 1.24 -28.70
CA THR A 63 6.76 0.48 -29.25
C THR A 63 7.06 -0.74 -28.38
N ARG A 64 6.64 -0.71 -27.12
CA ARG A 64 6.96 -1.78 -26.19
C ARG A 64 6.25 -3.11 -26.49
N ILE A 65 5.01 -3.04 -26.94
CA ILE A 65 4.24 -4.24 -27.27
C ILE A 65 3.58 -4.14 -28.64
N ASP A 66 3.24 -5.31 -29.21
CA ASP A 66 2.51 -5.36 -30.47
C ASP A 66 1.04 -5.05 -30.20
N THR A 67 0.61 -3.85 -30.58
CA THR A 67 -0.75 -3.40 -30.31
C THR A 67 -1.77 -3.76 -31.40
N GLU A 68 -1.39 -4.69 -32.27
CA GLU A 68 -2.23 -5.16 -33.37
C GLU A 68 -3.66 -5.55 -32.96
N PRO A 69 -3.81 -6.47 -31.98
CA PRO A 69 -5.16 -6.91 -31.60
C PRO A 69 -5.95 -5.96 -30.69
N TYR A 70 -5.41 -4.77 -30.42
CA TYR A 70 -6.07 -3.81 -29.53
C TYR A 70 -6.66 -2.63 -30.29
N SER A 71 -7.30 -1.72 -29.57
CA SER A 71 -7.89 -0.52 -30.15
C SER A 71 -7.15 0.74 -29.69
N VAL A 72 -6.25 0.56 -28.71
CA VAL A 72 -5.41 1.64 -28.23
C VAL A 72 -3.99 1.35 -28.70
N HIS A 73 -3.35 2.35 -29.30
CA HIS A 73 -2.00 2.19 -29.83
C HIS A 73 -1.07 3.31 -29.35
N LEU A 74 -1.60 4.19 -28.50
CA LEU A 74 -0.83 5.33 -28.01
C LEU A 74 -0.60 5.26 -26.50
N ALA A 75 0.61 5.61 -26.08
CA ALA A 75 0.99 5.67 -24.67
C ALA A 75 2.15 6.62 -24.46
N GLY A 76 2.28 7.14 -23.25
CA GLY A 76 3.40 8.00 -22.89
C GLY A 76 4.57 7.17 -22.40
N GLU A 77 5.38 6.67 -23.32
CA GLU A 77 6.55 5.87 -22.98
C GLU A 77 7.75 6.75 -22.69
N LEU A 78 8.70 6.23 -21.91
CA LEU A 78 9.97 6.92 -21.69
C LEU A 78 10.73 6.90 -23.00
N LYS A 79 11.33 8.03 -23.36
CA LYS A 79 12.05 8.11 -24.63
C LYS A 79 13.57 8.09 -24.46
N ASN A 80 14.21 7.25 -25.26
CA ASN A 80 15.68 7.06 -25.22
C ASN A 80 16.18 6.68 -23.83
N PHE A 81 15.53 5.68 -23.22
CA PHE A 81 15.90 5.24 -21.88
C PHE A 81 16.47 3.82 -21.84
N ASN A 82 17.71 3.72 -21.39
CA ASN A 82 18.38 2.44 -21.25
C ASN A 82 18.70 2.19 -19.78
N ILE A 83 18.12 1.14 -19.21
CA ILE A 83 18.34 0.83 -17.80
C ILE A 83 19.80 0.47 -17.50
N GLU A 84 20.50 -0.04 -18.50
CA GLU A 84 21.91 -0.43 -18.35
C GLU A 84 22.86 0.74 -18.23
N ASP A 85 22.37 1.95 -18.55
CA ASP A 85 23.12 3.18 -18.29
C ASP A 85 23.17 3.45 -16.78
N HIS A 86 22.23 2.87 -16.05
CA HIS A 86 22.07 3.13 -14.63
C HIS A 86 22.44 1.96 -13.71
N ILE A 87 22.06 0.76 -14.11
CA ILE A 87 22.31 -0.44 -13.31
C ILE A 87 22.82 -1.59 -14.18
N ASP A 88 23.75 -2.38 -13.63
CA ASP A 88 24.30 -3.54 -14.33
C ASP A 88 23.21 -4.51 -14.80
N LYS A 89 23.46 -5.19 -15.91
CA LYS A 89 22.47 -6.09 -16.52
C LYS A 89 21.99 -7.19 -15.58
N LYS A 90 22.91 -7.87 -14.91
CA LYS A 90 22.57 -8.95 -13.99
C LYS A 90 21.65 -8.46 -12.87
N GLU A 91 21.92 -7.25 -12.40
CA GLU A 91 21.16 -6.62 -11.32
C GLU A 91 20.11 -5.69 -11.92
N ALA A 92 19.44 -6.16 -12.96
CA ALA A 92 18.37 -5.42 -13.60
C ALA A 92 17.38 -6.42 -14.15
N ARG A 93 17.91 -7.52 -14.67
CA ARG A 93 17.11 -8.65 -15.14
C ARG A 93 16.24 -9.18 -14.00
N ARG A 94 16.62 -8.82 -12.78
CA ARG A 94 15.91 -9.22 -11.57
C ARG A 94 15.01 -8.11 -11.04
N MET A 95 14.68 -7.15 -11.90
CA MET A 95 13.80 -6.07 -11.52
C MET A 95 12.76 -5.87 -12.61
N ASP A 96 11.50 -5.76 -12.20
CA ASP A 96 10.47 -5.33 -13.13
C ASP A 96 10.68 -3.85 -13.40
N ARG A 97 10.26 -3.40 -14.57
CA ARG A 97 10.40 -1.99 -14.95
C ARG A 97 9.96 -1.00 -13.87
N PHE A 98 8.86 -1.29 -13.18
CA PHE A 98 8.36 -0.36 -12.15
C PHE A 98 9.35 -0.15 -11.01
N THR A 99 10.13 -1.18 -10.70
CA THR A 99 11.19 -1.09 -9.70
C THR A 99 12.41 -0.37 -10.29
N GLN A 100 12.70 -0.66 -11.55
CA GLN A 100 13.80 0.00 -12.25
C GLN A 100 13.65 1.51 -12.25
N TYR A 101 12.44 1.98 -12.53
CA TYR A 101 12.17 3.42 -12.59
C TYR A 101 12.30 4.08 -11.22
N ALA A 102 11.83 3.39 -10.18
CA ALA A 102 11.90 3.88 -8.81
C ALA A 102 13.35 4.02 -8.34
N ILE A 103 14.17 3.01 -8.64
CA ILE A 103 15.59 3.04 -8.27
C ILE A 103 16.31 4.22 -8.92
N VAL A 104 16.10 4.41 -10.22
CA VAL A 104 16.74 5.50 -10.96
C VAL A 104 16.28 6.87 -10.47
N ALA A 105 14.99 7.01 -10.18
CA ALA A 105 14.44 8.28 -9.73
C ALA A 105 14.82 8.62 -8.29
N ALA A 106 14.88 7.59 -7.44
CA ALA A 106 15.27 7.78 -6.04
C ALA A 106 16.73 8.22 -5.95
N ARG A 107 17.60 7.59 -6.74
CA ARG A 107 19.01 7.96 -6.83
C ARG A 107 19.17 9.42 -7.20
N GLU A 108 18.41 9.85 -8.21
CA GLU A 108 18.45 11.23 -8.67
C GLU A 108 18.05 12.17 -7.54
N ALA A 109 16.99 11.83 -6.81
CA ALA A 109 16.47 12.66 -5.72
C ALA A 109 17.43 12.77 -4.52
N VAL A 110 18.10 11.66 -4.21
CA VAL A 110 19.05 11.64 -3.11
C VAL A 110 20.29 12.45 -3.48
N LYS A 111 20.77 12.25 -4.71
CA LYS A 111 21.88 13.06 -5.24
C LYS A 111 21.53 14.55 -5.16
N ASP A 112 20.31 14.87 -5.61
CA ASP A 112 19.81 16.24 -5.64
C ASP A 112 19.77 16.89 -4.25
N ALA A 113 19.30 16.12 -3.27
CA ALA A 113 19.24 16.58 -1.89
C ALA A 113 20.61 16.47 -1.23
N GLN A 114 21.51 15.70 -1.83
CA GLN A 114 22.82 15.41 -1.27
C GLN A 114 22.68 14.77 0.12
N LEU A 115 21.65 13.94 0.25
CA LEU A 115 21.38 13.21 1.49
C LEU A 115 22.44 12.14 1.65
N ASP A 116 23.19 12.21 2.74
CA ASP A 116 24.19 11.18 3.01
C ASP A 116 23.54 10.11 3.88
N ILE A 117 23.40 8.92 3.32
CA ILE A 117 22.84 7.79 4.04
C ILE A 117 24.00 6.91 4.51
N ASN A 118 24.26 6.96 5.82
CA ASN A 118 25.37 6.21 6.42
C ASN A 118 24.98 5.62 7.76
N GLU A 119 25.93 4.95 8.41
CA GLU A 119 25.70 4.29 9.71
C GLU A 119 25.06 5.18 10.78
N ASN A 120 25.38 6.47 10.78
CA ASN A 120 24.81 7.39 11.76
C ASN A 120 23.39 7.84 11.41
N THR A 121 23.08 7.89 10.12
CA THR A 121 21.82 8.48 9.64
C THR A 121 20.77 7.49 9.11
N ALA A 122 21.24 6.37 8.56
CA ALA A 122 20.38 5.38 7.90
C ALA A 122 19.13 4.96 8.66
N ASP A 123 19.26 4.73 9.97
CA ASP A 123 18.15 4.28 10.81
C ASP A 123 16.96 5.24 10.85
N ARG A 124 17.18 6.49 10.48
CA ARG A 124 16.13 7.52 10.52
C ARG A 124 15.79 8.08 9.14
N ILE A 125 16.24 7.38 8.11
CA ILE A 125 15.94 7.75 6.73
C ILE A 125 15.16 6.58 6.13
N GLY A 126 13.88 6.81 5.87
CA GLY A 126 13.02 5.76 5.36
C GLY A 126 12.66 5.86 3.88
N VAL A 127 11.87 4.90 3.43
CA VAL A 127 11.41 4.83 2.06
C VAL A 127 9.92 4.51 2.07
N TRP A 128 9.15 5.29 1.34
CA TRP A 128 7.72 5.07 1.21
C TRP A 128 7.27 5.34 -0.21
N ILE A 129 7.48 4.36 -1.08
CA ILE A 129 7.18 4.48 -2.50
C ILE A 129 6.11 3.47 -2.88
N GLY A 130 5.00 3.99 -3.42
CA GLY A 130 3.92 3.13 -3.87
C GLY A 130 3.96 2.88 -5.36
N SER A 131 3.31 1.79 -5.75
CA SER A 131 3.07 1.44 -7.14
C SER A 131 1.64 0.95 -7.18
N GLY A 132 0.82 1.57 -8.03
CA GLY A 132 -0.60 1.23 -8.11
C GLY A 132 -0.85 -0.14 -8.70
N ILE A 133 -0.02 -0.53 -9.67
CA ILE A 133 -0.22 -1.76 -10.44
C ILE A 133 0.84 -2.83 -10.18
N GLY A 134 2.09 -2.42 -9.97
CA GLY A 134 3.17 -3.38 -9.71
C GLY A 134 3.77 -4.00 -10.95
N GLY A 135 4.25 -5.24 -10.81
CA GLY A 135 4.97 -5.92 -11.88
C GLY A 135 4.12 -6.68 -12.88
N MET A 136 3.28 -5.94 -13.61
CA MET A 136 2.40 -6.52 -14.63
C MET A 136 3.13 -7.37 -15.66
N GLU A 137 4.23 -6.85 -16.19
CA GLU A 137 5.01 -7.56 -17.19
C GLU A 137 5.60 -8.84 -16.62
N THR A 138 6.15 -8.77 -15.41
CA THR A 138 6.73 -9.95 -14.75
C THR A 138 5.72 -11.09 -14.65
N PHE A 139 4.50 -10.78 -14.20
CA PHE A 139 3.45 -11.79 -14.09
C PHE A 139 3.16 -12.45 -15.44
N GLU A 140 3.00 -11.63 -16.48
CA GLU A 140 2.72 -12.11 -17.83
C GLU A 140 3.76 -13.12 -18.33
N ILE A 141 5.03 -12.81 -18.09
CA ILE A 141 6.14 -13.67 -18.49
C ILE A 141 6.13 -14.99 -17.70
N ALA A 142 6.04 -14.88 -16.38
CA ALA A 142 6.05 -16.06 -15.51
C ALA A 142 4.81 -16.93 -15.67
N HIS A 143 3.67 -16.32 -15.96
CA HIS A 143 2.45 -17.08 -16.18
C HIS A 143 2.50 -17.85 -17.49
N LYS A 144 3.04 -17.21 -18.53
CA LYS A 144 3.27 -17.87 -19.81
C LYS A 144 4.12 -19.11 -19.61
N GLN A 145 5.19 -18.96 -18.83
CA GLN A 145 6.08 -20.07 -18.50
C GLN A 145 5.34 -21.22 -17.85
N LEU A 146 4.75 -20.98 -16.67
CA LEU A 146 4.02 -22.03 -15.94
C LEU A 146 3.03 -22.77 -16.84
N MET A 147 2.24 -22.01 -17.58
CA MET A 147 1.25 -22.57 -18.51
C MET A 147 1.91 -23.41 -19.59
N ASP A 148 2.77 -22.75 -20.37
CA ASP A 148 3.38 -23.34 -21.57
C ASP A 148 4.57 -24.29 -21.30
N LYS A 149 5.21 -24.19 -20.13
CA LYS A 149 6.37 -25.04 -19.86
C LYS A 149 6.42 -25.70 -18.47
N GLY A 150 5.37 -25.53 -17.68
CA GLY A 150 5.30 -26.14 -16.36
C GLY A 150 5.88 -25.27 -15.25
N PRO A 151 5.39 -25.47 -14.00
CA PRO A 151 5.79 -24.65 -12.84
C PRO A 151 7.28 -24.70 -12.49
N ARG A 152 7.93 -25.82 -12.80
CA ARG A 152 9.34 -26.02 -12.48
C ARG A 152 10.33 -25.05 -13.14
N ARG A 153 9.88 -24.33 -14.18
CA ARG A 153 10.74 -23.37 -14.87
C ARG A 153 10.32 -21.93 -14.60
N VAL A 154 9.64 -21.70 -13.48
CA VAL A 154 9.29 -20.36 -13.04
C VAL A 154 10.46 -19.80 -12.24
N SER A 155 10.92 -18.61 -12.62
CA SER A 155 12.08 -17.99 -11.99
C SER A 155 11.91 -17.76 -10.48
N PRO A 156 12.94 -18.13 -9.69
CA PRO A 156 12.98 -17.87 -8.24
C PRO A 156 12.95 -16.37 -7.88
N PHE A 157 13.01 -15.51 -8.89
CA PHE A 157 12.98 -14.06 -8.71
C PHE A 157 11.62 -13.47 -9.04
N PHE A 158 10.67 -14.34 -9.36
CA PHE A 158 9.33 -13.91 -9.75
C PHE A 158 8.61 -13.09 -8.67
N VAL A 159 8.48 -13.66 -7.47
CA VAL A 159 7.77 -13.00 -6.37
C VAL A 159 8.35 -11.63 -5.99
N PRO A 160 9.68 -11.55 -5.74
CA PRO A 160 10.26 -10.24 -5.43
C PRO A 160 10.31 -9.26 -6.62
N MET A 161 10.00 -9.71 -7.82
CA MET A 161 9.89 -8.82 -8.98
C MET A 161 8.46 -8.29 -9.15
N LEU A 162 7.50 -9.11 -8.74
CA LEU A 162 6.07 -8.86 -8.98
C LEU A 162 5.38 -7.89 -8.01
N ILE A 163 5.56 -8.14 -6.72
CA ILE A 163 4.77 -7.45 -5.68
C ILE A 163 5.09 -5.95 -5.53
N PRO A 164 4.05 -5.11 -5.35
CA PRO A 164 4.08 -3.65 -5.35
C PRO A 164 5.08 -3.00 -4.38
N ASP A 165 5.32 -3.63 -3.24
CA ASP A 165 6.23 -3.11 -2.22
C ASP A 165 7.70 -3.37 -2.56
N MET A 166 7.94 -4.05 -3.68
CA MET A 166 9.30 -4.36 -4.07
C MET A 166 10.08 -3.16 -4.59
N ALA A 167 9.36 -2.14 -5.05
CA ALA A 167 10.02 -0.87 -5.39
C ALA A 167 10.64 -0.26 -4.13
N THR A 168 9.83 -0.17 -3.08
CA THR A 168 10.28 0.35 -1.78
C THR A 168 11.43 -0.49 -1.20
N GLY A 169 11.26 -1.80 -1.20
CA GLY A 169 12.29 -2.72 -0.69
C GLY A 169 13.61 -2.61 -1.43
N GLN A 170 13.55 -2.65 -2.75
CA GLN A 170 14.75 -2.57 -3.59
C GLN A 170 15.43 -1.20 -3.48
N VAL A 171 14.63 -0.13 -3.43
CA VAL A 171 15.16 1.23 -3.27
C VAL A 171 15.89 1.38 -1.93
N SER A 172 15.29 0.88 -0.86
CA SER A 172 15.95 0.97 0.45
C SER A 172 17.26 0.18 0.47
N ILE A 173 17.27 -1.00 -0.16
CA ILE A 173 18.51 -1.81 -0.27
C ILE A 173 19.58 -1.05 -1.06
N ASP A 174 19.16 -0.46 -2.19
CA ASP A 174 20.07 0.29 -3.05
C ASP A 174 20.68 1.50 -2.35
N LEU A 175 19.90 2.16 -1.50
CA LEU A 175 20.33 3.40 -0.85
C LEU A 175 20.84 3.21 0.57
N GLY A 176 20.56 2.06 1.18
CA GLY A 176 20.92 1.80 2.58
C GLY A 176 19.99 2.48 3.58
N ALA A 177 18.81 2.90 3.12
CA ALA A 177 17.84 3.60 3.98
C ALA A 177 17.10 2.62 4.87
N LYS A 178 17.09 2.89 6.17
CA LYS A 178 16.57 1.94 7.17
C LYS A 178 15.42 2.44 8.05
N GLY A 179 14.97 3.67 7.86
CA GLY A 179 13.85 4.21 8.63
C GLY A 179 12.52 3.55 8.27
N PRO A 180 11.40 4.19 8.65
CA PRO A 180 10.09 3.63 8.32
C PRO A 180 10.04 3.21 6.85
N ASN A 181 9.48 2.03 6.59
CA ASN A 181 9.56 1.41 5.28
C ASN A 181 8.22 0.84 4.84
N GLY A 182 7.61 1.46 3.83
CA GLY A 182 6.29 1.03 3.38
C GLY A 182 5.90 1.45 1.98
N ALA A 183 4.63 1.27 1.66
CA ALA A 183 4.09 1.60 0.35
C ALA A 183 2.59 1.74 0.49
N THR A 184 2.05 2.86 0.02
CA THR A 184 0.60 3.03 0.03
C THR A 184 0.07 2.78 -1.37
N VAL A 185 -0.73 1.74 -1.51
CA VAL A 185 -1.26 1.37 -2.81
C VAL A 185 -2.74 1.76 -2.89
N THR A 186 -3.02 2.78 -3.70
CA THR A 186 -4.37 3.33 -3.83
C THR A 186 -4.65 3.78 -5.27
N ALA A 187 -4.34 2.90 -6.22
CA ALA A 187 -4.55 3.14 -7.64
C ALA A 187 -3.90 4.43 -8.14
N CYS A 188 -4.70 5.29 -8.78
CA CYS A 188 -4.22 6.55 -9.33
C CYS A 188 -3.73 7.52 -8.25
N ALA A 189 -4.18 7.30 -7.02
CA ALA A 189 -3.80 8.17 -5.91
C ALA A 189 -2.56 7.67 -5.16
N THR A 190 -1.96 6.59 -5.65
CA THR A 190 -0.83 5.94 -4.99
C THR A 190 0.33 6.89 -4.65
N GLY A 191 0.77 7.69 -5.64
CA GLY A 191 1.89 8.60 -5.44
C GLY A 191 1.62 9.70 -4.43
N THR A 192 0.39 10.19 -4.40
CA THR A 192 -0.01 11.26 -3.50
C THR A 192 -0.17 10.77 -2.07
N ASN A 193 -0.80 9.61 -1.91
CA ASN A 193 -0.97 9.01 -0.59
C ASN A 193 0.38 8.65 0.02
N SER A 194 1.23 7.99 -0.75
CA SER A 194 2.57 7.61 -0.29
C SER A 194 3.37 8.80 0.23
N ILE A 195 3.35 9.91 -0.51
CA ILE A 195 4.01 11.14 -0.07
C ILE A 195 3.36 11.67 1.20
N GLY A 196 2.03 11.65 1.24
CA GLY A 196 1.27 12.10 2.41
C GLY A 196 1.58 11.32 3.68
N GLU A 197 1.68 10.00 3.56
CA GLU A 197 2.06 9.14 4.69
C GLU A 197 3.47 9.45 5.16
N ALA A 198 4.38 9.59 4.20
CA ALA A 198 5.77 9.93 4.49
C ALA A 198 5.86 11.29 5.18
N PHE A 199 5.02 12.23 4.73
CA PHE A 199 4.91 13.56 5.32
C PHE A 199 4.54 13.49 6.80
N LYS A 200 3.51 12.72 7.11
CA LYS A 200 3.06 12.56 8.50
C LYS A 200 4.04 11.77 9.36
N ILE A 201 4.85 10.91 8.73
CA ILE A 201 5.89 10.16 9.44
C ILE A 201 7.00 11.10 9.94
N VAL A 202 7.40 12.04 9.09
CA VAL A 202 8.40 13.03 9.47
C VAL A 202 7.79 14.00 10.49
N GLN A 203 6.56 14.44 10.22
CA GLN A 203 5.83 15.37 11.08
C GLN A 203 5.64 14.87 12.52
N ARG A 204 5.42 13.56 12.68
CA ARG A 204 5.26 12.98 14.02
C ARG A 204 6.63 12.70 14.66
N GLY A 205 7.68 12.84 13.86
CA GLY A 205 9.06 12.69 14.30
C GLY A 205 9.61 11.27 14.28
N ASP A 206 9.09 10.43 13.39
CA ASP A 206 9.52 9.03 13.32
C ASP A 206 10.60 8.78 12.29
N ALA A 207 10.94 9.84 11.55
CA ALA A 207 12.04 9.82 10.59
C ALA A 207 12.55 11.25 10.45
N ASP A 208 13.82 11.40 10.10
CA ASP A 208 14.38 12.71 9.81
C ASP A 208 14.21 13.03 8.35
N ALA A 209 14.15 11.97 7.54
CA ALA A 209 14.02 12.08 6.10
C ALA A 209 13.29 10.87 5.51
N MET A 210 12.57 11.09 4.43
CA MET A 210 11.87 10.03 3.71
C MET A 210 12.09 10.16 2.21
N ILE A 211 12.39 9.05 1.55
CA ILE A 211 12.44 8.99 0.09
C ILE A 211 11.10 8.41 -0.32
N THR A 212 10.30 9.19 -1.04
CA THR A 212 8.88 8.85 -1.22
C THR A 212 8.31 9.19 -2.59
N GLY A 213 7.18 8.58 -2.93
CA GLY A 213 6.49 8.87 -4.20
C GLY A 213 5.82 7.70 -4.88
N GLY A 214 5.74 7.79 -6.21
CA GLY A 214 5.05 6.78 -7.00
C GLY A 214 5.86 6.33 -8.21
N THR A 215 5.60 5.11 -8.64
CA THR A 215 6.27 4.52 -9.80
C THR A 215 5.31 3.57 -10.51
N GLU A 216 5.45 3.45 -11.84
CA GLU A 216 4.54 2.60 -12.60
C GLU A 216 5.07 2.24 -13.99
N ALA A 217 4.89 0.97 -14.35
CA ALA A 217 5.17 0.48 -15.68
C ALA A 217 3.98 -0.34 -16.18
N PRO A 218 2.89 0.36 -16.59
CA PRO A 218 1.65 -0.31 -16.99
C PRO A 218 1.54 -0.67 -18.48
N ILE A 219 2.45 -0.19 -19.31
CA ILE A 219 2.37 -0.45 -20.75
C ILE A 219 2.67 -1.92 -21.02
N THR A 220 1.63 -2.73 -20.87
CA THR A 220 1.74 -4.18 -21.04
C THR A 220 0.47 -4.71 -21.70
N HIS A 221 0.54 -5.92 -22.25
CA HIS A 221 -0.63 -6.56 -22.86
C HIS A 221 -1.83 -6.53 -21.91
N MET A 222 -1.63 -7.09 -20.71
CA MET A 222 -2.70 -7.25 -19.74
C MET A 222 -3.32 -5.94 -19.25
N ALA A 223 -2.50 -4.90 -19.08
CA ALA A 223 -3.01 -3.62 -18.60
C ALA A 223 -3.81 -2.87 -19.66
N ILE A 224 -3.35 -2.92 -20.91
CA ILE A 224 -4.07 -2.26 -21.99
C ILE A 224 -5.37 -3.00 -22.28
N ALA A 225 -5.31 -4.33 -22.27
CA ALA A 225 -6.50 -5.17 -22.48
C ALA A 225 -7.48 -5.05 -21.32
N GLY A 226 -6.96 -4.83 -20.11
CA GLY A 226 -7.79 -4.67 -18.92
C GLY A 226 -8.47 -3.33 -18.83
N PHE A 227 -7.71 -2.26 -19.08
CA PHE A 227 -8.23 -0.90 -18.96
C PHE A 227 -9.17 -0.49 -20.09
N SER A 228 -9.01 -1.11 -21.26
CA SER A 228 -9.90 -0.84 -22.39
C SER A 228 -11.16 -1.70 -22.31
N ALA A 229 -11.04 -2.85 -21.65
CA ALA A 229 -12.21 -3.70 -21.38
C ALA A 229 -13.20 -2.93 -20.53
N SER A 230 -12.68 -2.18 -19.55
CA SER A 230 -13.50 -1.37 -18.67
C SER A 230 -13.77 0.03 -19.23
N ARG A 231 -13.42 0.22 -20.51
CA ARG A 231 -13.66 1.46 -21.25
C ARG A 231 -13.01 2.73 -20.70
N ALA A 232 -11.98 2.59 -19.88
CA ALA A 232 -11.31 3.75 -19.28
C ALA A 232 -10.30 4.41 -20.21
N LEU A 233 -9.82 3.66 -21.20
CA LEU A 233 -8.80 4.15 -22.13
C LEU A 233 -9.37 4.80 -23.39
N SER A 234 -8.63 5.78 -23.92
CA SER A 234 -8.97 6.44 -25.16
C SER A 234 -8.67 5.55 -26.36
N THR A 235 -9.55 5.57 -27.34
CA THR A 235 -9.42 4.76 -28.55
C THR A 235 -8.84 5.61 -29.69
N ASN A 236 -8.72 6.92 -29.44
CA ASN A 236 -8.16 7.87 -30.38
C ASN A 236 -6.75 7.46 -30.83
N ASP A 237 -6.54 7.40 -32.14
CA ASP A 237 -5.24 7.01 -32.71
C ASP A 237 -4.33 8.19 -33.01
N ASP A 238 -4.93 9.37 -33.11
CA ASP A 238 -4.21 10.60 -33.40
C ASP A 238 -3.60 11.17 -32.12
N ILE A 239 -2.32 11.57 -32.20
CA ILE A 239 -1.55 11.99 -31.03
C ILE A 239 -1.88 13.42 -30.55
N GLU A 240 -2.28 14.29 -31.47
CA GLU A 240 -2.53 15.70 -31.15
C GLU A 240 -3.83 15.96 -30.37
N THR A 241 -4.70 14.95 -30.28
CA THR A 241 -5.96 15.09 -29.53
C THR A 241 -6.27 13.88 -28.66
N ALA A 242 -5.43 12.85 -28.72
CA ALA A 242 -5.64 11.62 -27.95
C ALA A 242 -5.99 11.92 -26.50
N CYS A 243 -5.12 12.66 -25.83
CA CYS A 243 -5.34 13.09 -24.46
C CYS A 243 -5.65 14.58 -24.45
N ARG A 244 -6.86 14.93 -24.02
CA ARG A 244 -7.29 16.32 -24.02
C ARG A 244 -8.15 16.62 -22.80
N PRO A 245 -7.51 16.84 -21.64
CA PRO A 245 -8.21 17.14 -20.39
C PRO A 245 -9.22 18.27 -20.53
N PHE A 246 -10.40 18.08 -19.93
CA PHE A 246 -11.46 19.09 -19.88
C PHE A 246 -12.05 19.49 -21.25
N GLN A 247 -11.70 18.77 -22.30
CA GLN A 247 -12.10 19.13 -23.66
C GLN A 247 -13.25 18.31 -24.24
N GLU A 248 -13.91 18.87 -25.25
CA GLU A 248 -14.95 18.19 -26.03
C GLU A 248 -14.31 17.05 -26.80
N GLY A 249 -14.86 15.85 -26.66
CA GLY A 249 -14.34 14.70 -27.38
C GLY A 249 -13.45 13.80 -26.55
N ARG A 250 -13.02 14.27 -25.38
CA ARG A 250 -12.21 13.47 -24.47
C ARG A 250 -12.90 12.13 -24.23
N ASP A 251 -12.21 11.04 -24.55
CA ASP A 251 -12.82 9.72 -24.46
C ASP A 251 -12.07 8.77 -23.53
N GLY A 252 -11.50 9.32 -22.46
CA GLY A 252 -10.74 8.51 -21.50
C GLY A 252 -9.27 8.88 -21.46
N PHE A 253 -8.57 8.37 -20.45
CA PHE A 253 -7.16 8.69 -20.25
C PHE A 253 -6.23 7.94 -21.20
N VAL A 254 -5.00 8.42 -21.29
CA VAL A 254 -3.96 7.74 -22.05
C VAL A 254 -2.89 7.26 -21.06
N MET A 255 -2.60 5.96 -21.14
CA MET A 255 -1.67 5.29 -20.24
C MET A 255 -0.23 5.81 -20.41
N GLY A 256 0.45 6.05 -19.30
CA GLY A 256 1.84 6.47 -19.32
C GLY A 256 2.67 5.77 -18.26
N GLU A 257 4.00 5.86 -18.37
CA GLU A 257 4.91 5.20 -17.43
C GLU A 257 5.90 6.19 -16.81
N GLY A 258 6.54 5.77 -15.72
CA GLY A 258 7.54 6.60 -15.06
C GLY A 258 7.57 6.50 -13.56
N ALA A 259 8.19 7.48 -12.92
CA ALA A 259 8.35 7.51 -11.47
C ALA A 259 8.60 8.94 -10.97
N GLY A 260 7.93 9.31 -9.89
CA GLY A 260 8.12 10.62 -9.29
C GLY A 260 8.52 10.46 -7.84
N ILE A 261 9.78 10.77 -7.54
CA ILE A 261 10.31 10.58 -6.19
C ILE A 261 10.79 11.87 -5.55
N LEU A 262 10.44 12.02 -4.27
CA LEU A 262 10.81 13.19 -3.45
C LEU A 262 11.68 12.76 -2.28
N VAL A 263 12.64 13.62 -1.91
CA VAL A 263 13.31 13.47 -0.62
C VAL A 263 12.74 14.57 0.25
N ILE A 264 12.07 14.18 1.33
CA ILE A 264 11.48 15.14 2.25
C ILE A 264 12.18 15.01 3.60
N GLU A 265 12.39 16.13 4.28
CA GLU A 265 13.10 16.14 5.56
C GLU A 265 12.41 17.05 6.55
N SER A 266 12.74 16.85 7.83
CA SER A 266 12.40 17.82 8.88
C SER A 266 13.20 19.08 8.60
N LEU A 267 12.69 20.23 9.02
CA LEU A 267 13.44 21.48 8.83
C LEU A 267 14.78 21.44 9.57
N GLU A 268 14.74 21.00 10.84
CA GLU A 268 15.96 20.79 11.64
C GLU A 268 17.03 20.10 10.81
N SER A 269 16.69 18.92 10.31
CA SER A 269 17.62 18.06 9.56
C SER A 269 18.18 18.74 8.32
N ALA A 270 17.30 19.31 7.49
CA ALA A 270 17.70 19.96 6.25
C ALA A 270 18.69 21.10 6.50
N GLN A 271 18.36 21.97 7.45
CA GLN A 271 19.21 23.09 7.84
C GLN A 271 20.51 22.66 8.49
N ALA A 272 20.45 21.59 9.27
CA ALA A 272 21.63 21.07 9.98
C ALA A 272 22.71 20.54 9.04
N ARG A 273 22.29 19.93 7.92
CA ARG A 273 23.23 19.38 6.96
C ARG A 273 23.47 20.34 5.78
N GLY A 274 22.77 21.48 5.82
CA GLY A 274 22.91 22.51 4.79
C GLY A 274 22.35 22.13 3.44
N ALA A 275 21.05 21.91 3.37
CA ALA A 275 20.39 21.53 2.11
C ALA A 275 19.50 22.64 1.56
N ASN A 276 19.49 22.77 0.23
CA ASN A 276 18.59 23.70 -0.45
C ASN A 276 17.15 23.19 -0.36
N ILE A 277 16.22 24.11 -0.14
CA ILE A 277 14.81 23.77 0.04
C ILE A 277 13.99 24.19 -1.17
N TYR A 278 13.25 23.24 -1.73
CA TYR A 278 12.36 23.52 -2.86
C TYR A 278 11.07 24.16 -2.37
N ALA A 279 10.48 23.57 -1.32
CA ALA A 279 9.20 24.00 -0.77
C ALA A 279 8.88 23.21 0.49
N GLU A 280 7.84 23.65 1.19
CA GLU A 280 7.38 22.95 2.39
C GLU A 280 6.10 22.18 2.05
N ILE A 281 5.91 21.04 2.70
CA ILE A 281 4.66 20.29 2.63
C ILE A 281 3.90 20.61 3.90
N VAL A 282 2.68 21.11 3.77
CA VAL A 282 1.94 21.59 4.95
C VAL A 282 0.58 20.92 5.19
N GLY A 283 0.02 20.31 4.15
CA GLY A 283 -1.31 19.72 4.27
C GLY A 283 -1.47 18.44 3.48
N TYR A 284 -2.26 17.52 4.04
CA TYR A 284 -2.55 16.25 3.40
C TYR A 284 -3.94 15.80 3.84
N GLY A 285 -4.79 15.52 2.86
CA GLY A 285 -6.13 15.02 3.11
C GLY A 285 -6.39 13.79 2.27
N THR A 286 -7.12 12.84 2.83
CA THR A 286 -7.52 11.63 2.11
C THR A 286 -8.93 11.24 2.51
N THR A 287 -9.75 10.89 1.53
CA THR A 287 -11.12 10.47 1.79
C THR A 287 -11.48 9.30 0.89
N GLY A 288 -12.65 8.71 1.14
CA GLY A 288 -13.19 7.68 0.26
C GLY A 288 -14.56 8.10 -0.22
N ASP A 289 -14.88 7.79 -1.48
CA ASP A 289 -16.20 8.08 -2.04
C ASP A 289 -17.28 7.19 -1.44
N ALA A 290 -16.93 5.91 -1.22
CA ALA A 290 -17.90 4.87 -0.82
C ALA A 290 -19.10 4.83 -1.77
N TYR A 291 -18.80 5.00 -3.06
CA TYR A 291 -19.84 5.11 -4.08
C TYR A 291 -19.77 4.00 -5.14
N HIS A 292 -18.81 4.10 -6.05
CA HIS A 292 -18.65 3.14 -7.12
C HIS A 292 -17.19 2.73 -7.19
N ILE A 293 -16.93 1.53 -7.69
CA ILE A 293 -15.58 1.00 -7.77
C ILE A 293 -14.72 1.67 -8.86
N THR A 294 -15.37 2.26 -9.86
CA THR A 294 -14.66 2.94 -10.95
C THR A 294 -15.16 4.35 -11.25
N ALA A 295 -16.44 4.61 -10.97
CA ALA A 295 -17.03 5.91 -11.26
C ALA A 295 -16.89 6.89 -10.10
N PRO A 296 -16.58 8.16 -10.40
CA PRO A 296 -16.45 9.22 -9.39
C PRO A 296 -17.79 9.48 -8.72
N ALA A 297 -17.75 9.93 -7.47
CA ALA A 297 -18.97 10.26 -6.74
C ALA A 297 -19.57 11.54 -7.32
N PRO A 298 -20.91 11.58 -7.48
CA PRO A 298 -21.55 12.76 -8.06
C PRO A 298 -21.16 14.05 -7.33
N GLU A 299 -20.99 15.13 -8.10
CA GLU A 299 -20.53 16.42 -7.58
C GLU A 299 -19.08 16.38 -7.09
N GLY A 300 -18.36 15.29 -7.40
CA GLY A 300 -17.00 15.09 -6.92
C GLY A 300 -16.89 15.33 -5.42
N GLU A 301 -17.94 14.90 -4.71
CA GLU A 301 -18.09 15.15 -3.28
C GLU A 301 -16.91 14.64 -2.45
N GLY A 302 -16.39 13.46 -2.79
CA GLY A 302 -15.24 12.90 -2.08
C GLY A 302 -14.00 13.73 -2.29
N GLY A 303 -13.80 14.18 -3.52
CA GLY A 303 -12.68 15.06 -3.87
C GLY A 303 -12.71 16.36 -3.10
N SER A 304 -13.91 16.90 -2.89
CA SER A 304 -14.09 18.15 -2.16
C SER A 304 -13.69 18.01 -0.70
N ARG A 305 -14.16 16.95 -0.06
CA ARG A 305 -13.85 16.65 1.33
C ARG A 305 -12.35 16.42 1.52
N ALA A 306 -11.70 15.84 0.52
CA ALA A 306 -10.25 15.62 0.55
C ALA A 306 -9.48 16.93 0.45
N MET A 307 -9.95 17.82 -0.44
CA MET A 307 -9.35 19.15 -0.60
C MET A 307 -9.53 19.98 0.66
N GLN A 308 -10.72 19.89 1.26
CA GLN A 308 -11.02 20.64 2.47
C GLN A 308 -10.18 20.16 3.64
N ALA A 309 -10.02 18.84 3.74
CA ALA A 309 -9.20 18.22 4.78
C ALA A 309 -7.73 18.64 4.69
N ALA A 310 -7.20 18.67 3.47
CA ALA A 310 -5.82 19.07 3.22
C ALA A 310 -5.58 20.54 3.59
N MET A 311 -6.58 21.39 3.31
CA MET A 311 -6.50 22.80 3.65
C MET A 311 -6.70 23.03 5.14
N ASP A 312 -7.54 22.19 5.76
CA ASP A 312 -7.73 22.22 7.20
C ASP A 312 -6.48 21.76 7.90
N ASP A 313 -5.75 20.85 7.26
CA ASP A 313 -4.49 20.36 7.77
C ASP A 313 -3.46 21.49 7.73
N ALA A 314 -3.39 22.16 6.58
CA ALA A 314 -2.47 23.26 6.35
C ALA A 314 -2.84 24.52 7.13
N GLY A 315 -4.08 24.58 7.61
CA GLY A 315 -4.57 25.74 8.35
C GLY A 315 -4.84 26.93 7.45
N ILE A 316 -5.28 26.64 6.22
CA ILE A 316 -5.59 27.67 5.25
C ILE A 316 -7.01 27.55 4.72
N GLU A 317 -7.39 28.49 3.88
CA GLU A 317 -8.70 28.52 3.24
C GLU A 317 -8.49 28.60 1.72
N PRO A 318 -9.56 28.36 0.93
CA PRO A 318 -9.44 28.40 -0.53
C PRO A 318 -8.81 29.68 -1.10
N LYS A 319 -9.01 30.81 -0.42
CA LYS A 319 -8.43 32.10 -0.83
C LYS A 319 -6.93 32.02 -1.04
N ASP A 320 -6.27 31.23 -0.19
CA ASP A 320 -4.81 31.14 -0.14
C ASP A 320 -4.18 30.33 -1.25
N VAL A 321 -4.98 29.56 -1.99
CA VAL A 321 -4.45 28.68 -3.02
C VAL A 321 -4.46 29.33 -4.41
N GLN A 322 -3.26 29.55 -4.97
CA GLN A 322 -3.10 30.16 -6.28
C GLN A 322 -3.07 29.12 -7.39
N TYR A 323 -2.51 27.95 -7.07
CA TYR A 323 -2.35 26.89 -8.06
C TYR A 323 -2.87 25.54 -7.59
N LEU A 324 -3.47 24.80 -8.52
CA LEU A 324 -3.96 23.45 -8.26
C LEU A 324 -3.62 22.55 -9.44
N ASN A 325 -2.67 21.63 -9.22
CA ASN A 325 -2.40 20.61 -10.22
C ASN A 325 -3.54 19.60 -10.16
N ALA A 326 -4.39 19.62 -11.18
CA ALA A 326 -5.60 18.82 -11.17
C ALA A 326 -5.33 17.37 -11.51
N HIS A 327 -6.25 16.50 -11.11
CA HIS A 327 -6.16 15.10 -11.47
C HIS A 327 -6.41 14.96 -12.97
N GLY A 328 -7.42 15.70 -13.45
CA GLY A 328 -7.78 15.79 -14.88
C GLY A 328 -7.18 14.76 -15.82
N THR A 329 -7.85 13.62 -15.95
CA THR A 329 -7.33 12.51 -16.73
C THR A 329 -7.86 12.44 -18.17
N SER A 330 -8.74 13.36 -18.54
CA SER A 330 -9.34 13.39 -19.88
C SER A 330 -10.43 12.32 -20.04
N THR A 331 -11.21 12.12 -18.98
CA THR A 331 -12.37 11.23 -18.99
C THR A 331 -13.63 12.09 -18.84
N PRO A 332 -14.72 11.71 -19.55
CA PRO A 332 -15.98 12.45 -19.47
C PRO A 332 -16.43 12.81 -18.05
N VAL A 333 -16.70 11.81 -17.22
CA VAL A 333 -17.21 12.03 -15.87
C VAL A 333 -16.16 12.59 -14.89
N GLY A 334 -14.95 12.03 -14.96
CA GLY A 334 -13.87 12.42 -14.07
C GLY A 334 -13.60 13.92 -14.13
N ASP A 335 -13.22 14.39 -15.31
CA ASP A 335 -12.89 15.80 -15.52
C ASP A 335 -14.05 16.73 -15.16
N LEU A 336 -15.27 16.29 -15.42
CA LEU A 336 -16.48 17.06 -15.08
C LEU A 336 -16.65 17.11 -13.56
N ASN A 337 -16.58 15.94 -12.92
CA ASN A 337 -16.75 15.83 -11.48
C ASN A 337 -15.69 16.55 -10.66
N GLU A 338 -14.47 16.62 -11.18
CA GLU A 338 -13.40 17.36 -10.52
C GLU A 338 -13.68 18.86 -10.54
N VAL A 339 -14.08 19.38 -11.70
CA VAL A 339 -14.49 20.78 -11.83
C VAL A 339 -15.61 21.11 -10.84
N LYS A 340 -16.59 20.20 -10.73
CA LYS A 340 -17.67 20.36 -9.76
C LYS A 340 -17.14 20.39 -8.33
N ALA A 341 -16.19 19.53 -8.03
CA ALA A 341 -15.57 19.47 -6.72
C ALA A 341 -14.82 20.77 -6.39
N ILE A 342 -14.06 21.25 -7.37
CA ILE A 342 -13.31 22.50 -7.22
C ILE A 342 -14.26 23.68 -7.02
N LYS A 343 -15.32 23.74 -7.82
CA LYS A 343 -16.30 24.81 -7.70
C LYS A 343 -17.01 24.82 -6.35
N ASN A 344 -17.33 23.64 -5.83
CA ASN A 344 -17.97 23.53 -4.51
C ASN A 344 -17.04 23.95 -3.37
N THR A 345 -15.79 23.52 -3.44
CA THR A 345 -14.82 23.75 -2.37
C THR A 345 -14.29 25.18 -2.35
N PHE A 346 -13.90 25.68 -3.52
CA PHE A 346 -13.31 27.03 -3.62
C PHE A 346 -14.37 28.12 -3.66
N GLY A 347 -15.44 27.87 -4.39
CA GLY A 347 -16.58 28.79 -4.46
C GLY A 347 -16.27 30.05 -5.25
N GLU A 348 -16.19 31.18 -4.54
CA GLU A 348 -15.87 32.46 -5.17
C GLU A 348 -14.48 32.46 -5.78
N ALA A 349 -13.53 31.87 -5.05
CA ALA A 349 -12.13 31.83 -5.45
C ALA A 349 -11.85 30.93 -6.67
N ALA A 350 -12.87 30.20 -7.12
CA ALA A 350 -12.72 29.29 -8.26
C ALA A 350 -12.34 30.00 -9.55
N LYS A 351 -12.89 31.20 -9.75
CA LYS A 351 -12.55 32.02 -10.91
C LYS A 351 -11.13 32.54 -10.80
N HIS A 352 -10.73 32.91 -9.59
CA HIS A 352 -9.39 33.39 -9.30
C HIS A 352 -8.50 32.26 -8.76
N LEU A 353 -8.30 31.24 -9.59
CA LEU A 353 -7.51 30.07 -9.22
C LEU A 353 -7.00 29.42 -10.49
N LYS A 354 -5.69 29.18 -10.54
CA LYS A 354 -5.08 28.57 -11.71
C LYS A 354 -5.04 27.06 -11.57
N VAL A 355 -5.70 26.39 -12.50
CA VAL A 355 -5.73 24.93 -12.55
C VAL A 355 -4.99 24.47 -13.79
N SER A 356 -4.17 23.44 -13.63
CA SER A 356 -3.46 22.86 -14.75
C SER A 356 -3.50 21.36 -14.61
N SER A 357 -3.65 20.68 -15.75
CA SER A 357 -3.54 19.23 -15.78
C SER A 357 -2.35 18.86 -16.63
N THR A 358 -1.24 18.58 -15.97
CA THR A 358 0.00 18.23 -16.62
C THR A 358 -0.05 16.85 -17.26
N LYS A 359 -1.13 16.11 -17.01
CA LYS A 359 -1.34 14.79 -17.62
C LYS A 359 -1.53 14.90 -19.12
N SER A 360 -1.93 16.09 -19.58
CA SER A 360 -2.09 16.39 -21.01
C SER A 360 -0.81 16.16 -21.81
N MET A 361 0.33 16.14 -21.11
CA MET A 361 1.64 15.99 -21.74
C MET A 361 2.26 14.64 -21.41
N THR A 362 2.17 14.25 -20.14
CA THR A 362 2.75 13.00 -19.66
C THR A 362 1.83 11.81 -19.92
N GLY A 363 0.52 12.06 -19.90
CA GLY A 363 -0.45 10.98 -19.90
C GLY A 363 -0.72 10.66 -18.45
N HIS A 364 -1.68 9.77 -18.21
CA HIS A 364 -1.96 9.35 -16.85
C HIS A 364 -0.97 8.28 -16.42
N LEU A 365 -0.08 8.63 -15.50
CA LEU A 365 0.98 7.69 -15.08
C LEU A 365 0.53 6.72 -13.99
N LEU A 366 -0.76 6.74 -13.65
CA LEU A 366 -1.32 5.88 -12.60
C LEU A 366 -0.65 6.12 -11.24
N GLY A 367 0.03 5.10 -10.71
CA GLY A 367 0.72 5.23 -9.43
C GLY A 367 1.75 6.35 -9.39
N ALA A 368 2.53 6.48 -10.44
CA ALA A 368 3.62 7.47 -10.54
C ALA A 368 3.13 8.90 -10.72
N THR A 369 1.87 9.06 -11.10
CA THR A 369 1.34 10.38 -11.46
C THR A 369 1.33 11.36 -10.28
N GLY A 370 0.99 10.88 -9.10
CA GLY A 370 0.98 11.72 -7.89
C GLY A 370 2.37 12.20 -7.48
N GLY A 371 3.38 11.38 -7.74
CA GLY A 371 4.76 11.74 -7.44
C GLY A 371 5.26 12.86 -8.34
N ILE A 372 5.11 12.66 -9.65
CA ILE A 372 5.50 13.63 -10.67
C ILE A 372 4.75 14.95 -10.52
N GLU A 373 3.49 14.88 -10.11
CA GLU A 373 2.68 16.08 -9.93
C GLU A 373 3.05 16.86 -8.66
N ALA A 374 3.54 16.15 -7.65
CA ALA A 374 4.07 16.81 -6.44
C ALA A 374 5.33 17.60 -6.80
N ILE A 375 6.13 17.03 -7.69
CA ILE A 375 7.32 17.68 -8.24
C ILE A 375 6.92 18.94 -9.02
N PHE A 376 5.99 18.78 -9.97
CA PHE A 376 5.47 19.91 -10.73
C PHE A 376 4.94 21.02 -9.84
N SER A 377 4.20 20.64 -8.80
CA SER A 377 3.62 21.60 -7.87
C SER A 377 4.69 22.36 -7.10
N ALA A 378 5.63 21.64 -6.50
CA ALA A 378 6.72 22.24 -5.74
C ALA A 378 7.63 23.12 -6.61
N LEU A 379 7.85 22.70 -7.85
CA LEU A 379 8.65 23.47 -8.80
C LEU A 379 7.92 24.70 -9.33
N SER A 380 6.58 24.65 -9.25
CA SER A 380 5.74 25.78 -9.63
C SER A 380 5.85 26.90 -8.60
N ILE A 381 5.95 26.52 -7.34
CA ILE A 381 6.14 27.47 -6.24
C ILE A 381 7.52 28.12 -6.30
N LYS A 382 8.52 27.31 -6.64
CA LYS A 382 9.91 27.76 -6.68
C LYS A 382 10.19 28.70 -7.86
N ASP A 383 9.83 28.27 -9.06
CA ASP A 383 10.12 29.01 -10.29
C ASP A 383 9.05 30.04 -10.66
N SER A 384 7.98 30.11 -9.87
CA SER A 384 6.87 31.02 -10.12
C SER A 384 6.28 30.87 -11.53
N LYS A 385 6.08 29.62 -11.93
CA LYS A 385 5.52 29.27 -13.24
C LYS A 385 4.51 28.15 -13.08
N VAL A 386 3.61 28.02 -14.05
CA VAL A 386 2.64 26.93 -14.10
C VAL A 386 2.69 26.27 -15.46
N ALA A 387 2.83 24.94 -15.47
CA ALA A 387 2.81 24.18 -16.71
C ALA A 387 1.42 24.23 -17.34
N PRO A 388 1.35 24.16 -18.69
CA PRO A 388 0.07 24.23 -19.36
C PRO A 388 -0.71 22.91 -19.44
N THR A 389 -1.97 23.02 -19.85
CA THR A 389 -2.79 21.88 -20.20
C THR A 389 -2.82 21.87 -21.73
N ILE A 390 -1.95 21.09 -22.35
CA ILE A 390 -1.89 21.08 -23.81
C ILE A 390 -3.10 20.37 -24.44
N HIS A 391 -3.30 20.64 -25.73
CA HIS A 391 -4.47 20.15 -26.47
C HIS A 391 -5.77 20.80 -26.01
N ALA A 392 -5.68 21.99 -25.40
CA ALA A 392 -6.87 22.70 -24.91
C ALA A 392 -7.61 23.38 -26.07
N VAL A 393 -7.86 22.60 -27.11
CA VAL A 393 -8.45 23.07 -28.37
C VAL A 393 -9.96 23.30 -28.28
N THR A 394 -10.71 22.23 -27.99
CA THR A 394 -12.18 22.30 -27.99
C THR A 394 -12.76 22.34 -26.57
N PRO A 395 -12.94 23.55 -26.00
CA PRO A 395 -13.41 23.76 -24.63
C PRO A 395 -14.79 23.16 -24.30
N ASP A 396 -15.16 23.25 -23.02
CA ASP A 396 -16.42 22.69 -22.51
C ASP A 396 -17.16 23.68 -21.60
N PRO A 397 -18.42 23.97 -21.92
CA PRO A 397 -19.25 24.89 -21.12
C PRO A 397 -19.46 24.40 -19.67
N GLU A 398 -19.36 23.10 -19.45
CA GLU A 398 -19.43 22.51 -18.11
C GLU A 398 -18.17 22.81 -17.30
N CYS A 399 -17.01 22.56 -17.92
CA CYS A 399 -15.71 22.78 -17.30
C CYS A 399 -15.23 24.21 -17.56
N ASP A 400 -15.73 25.15 -16.77
CA ASP A 400 -15.44 26.57 -16.97
C ASP A 400 -14.39 27.12 -15.98
N LEU A 401 -13.24 26.44 -15.90
CA LEU A 401 -12.17 26.87 -15.01
C LEU A 401 -10.97 27.39 -15.78
N ASP A 402 -10.09 28.11 -15.08
CA ASP A 402 -8.84 28.61 -15.63
C ASP A 402 -7.86 27.43 -15.85
N ILE A 403 -7.91 26.86 -17.06
CA ILE A 403 -7.15 25.66 -17.40
C ILE A 403 -5.67 25.91 -17.71
N VAL A 404 -5.24 27.18 -17.72
CA VAL A 404 -3.88 27.55 -18.17
C VAL A 404 -3.60 26.83 -19.50
N PRO A 405 -4.39 27.14 -20.55
CA PRO A 405 -4.43 26.46 -21.84
C PRO A 405 -3.15 26.54 -22.69
N ASN A 406 -2.79 25.38 -23.25
CA ASN A 406 -1.71 25.21 -24.24
C ASN A 406 -0.33 25.83 -23.97
N GLU A 407 -0.30 26.99 -23.29
CA GLU A 407 0.95 27.66 -23.01
C GLU A 407 1.19 27.96 -21.54
N ALA A 408 2.42 27.74 -21.11
CA ALA A 408 2.85 27.98 -19.73
C ALA A 408 2.74 29.45 -19.37
N GLN A 409 2.16 29.73 -18.21
CA GLN A 409 2.03 31.09 -17.72
C GLN A 409 2.97 31.32 -16.55
N ASP A 410 3.38 32.58 -16.37
CA ASP A 410 4.08 32.96 -15.14
C ASP A 410 3.02 33.15 -14.07
N LEU A 411 3.39 32.92 -12.81
CA LEU A 411 2.47 33.07 -11.69
C LEU A 411 3.20 32.98 -10.35
N ASP A 412 2.97 33.97 -9.49
CA ASP A 412 3.53 33.95 -8.14
C ASP A 412 2.66 33.09 -7.22
N ILE A 413 3.22 31.98 -6.75
CA ILE A 413 2.50 31.00 -5.95
C ILE A 413 3.04 30.92 -4.52
N THR A 414 2.12 30.87 -3.56
CA THR A 414 2.45 30.72 -2.15
C THR A 414 2.05 29.32 -1.68
N TYR A 415 0.85 28.92 -2.08
CA TYR A 415 0.29 27.61 -1.77
C TYR A 415 -0.15 26.92 -3.05
N ALA A 416 0.32 25.70 -3.24
CA ALA A 416 -0.08 24.89 -4.38
C ALA A 416 -0.81 23.65 -3.89
N MET A 417 -1.77 23.18 -4.69
CA MET A 417 -2.51 21.97 -4.39
C MET A 417 -2.24 20.94 -5.46
N SER A 418 -2.28 19.66 -5.08
CA SER A 418 -2.23 18.58 -6.05
C SER A 418 -3.31 17.57 -5.73
N ASN A 419 -4.12 17.25 -6.73
CA ASN A 419 -5.23 16.30 -6.59
C ASN A 419 -4.95 14.95 -7.20
N SER A 420 -5.44 13.91 -6.53
CA SER A 420 -5.41 12.55 -7.04
C SER A 420 -6.70 11.86 -6.64
N LEU A 421 -7.56 11.63 -7.62
CA LEU A 421 -8.87 11.05 -7.39
C LEU A 421 -9.00 9.81 -8.26
N GLY A 422 -8.51 8.68 -7.75
CA GLY A 422 -8.42 7.46 -8.54
C GLY A 422 -9.57 6.48 -8.42
N PHE A 423 -9.49 5.41 -9.22
CA PHE A 423 -10.43 4.30 -9.15
C PHE A 423 -10.43 3.74 -7.73
N GLY A 424 -11.51 3.06 -7.36
CA GLY A 424 -11.66 2.53 -6.01
C GLY A 424 -12.15 3.57 -5.01
N GLY A 425 -12.40 4.79 -5.48
CA GLY A 425 -12.93 5.85 -4.63
C GLY A 425 -11.92 6.55 -3.73
N HIS A 426 -10.64 6.35 -4.00
CA HIS A 426 -9.57 6.94 -3.19
C HIS A 426 -9.31 8.39 -3.60
N ASN A 427 -9.46 9.30 -2.64
CA ASN A 427 -9.14 10.70 -2.89
C ASN A 427 -7.97 11.16 -2.04
N ALA A 428 -6.98 11.78 -2.68
CA ALA A 428 -5.78 12.23 -1.99
C ALA A 428 -5.38 13.61 -2.49
N VAL A 429 -5.10 14.51 -1.54
CA VAL A 429 -4.71 15.87 -1.86
C VAL A 429 -3.53 16.30 -0.99
N LEU A 430 -2.58 16.98 -1.61
CA LEU A 430 -1.44 17.56 -0.91
C LEU A 430 -1.44 19.06 -1.08
N VAL A 431 -1.02 19.77 -0.03
CA VAL A 431 -0.81 21.21 -0.11
C VAL A 431 0.66 21.50 0.17
N PHE A 432 1.29 22.22 -0.74
CA PHE A 432 2.68 22.63 -0.60
C PHE A 432 2.73 24.13 -0.33
N LYS A 433 3.82 24.59 0.29
CA LYS A 433 3.97 26.00 0.65
C LYS A 433 5.37 26.50 0.33
N LYS A 434 5.47 27.76 -0.08
CA LYS A 434 6.76 28.41 -0.31
C LYS A 434 7.51 28.51 1.00
N PHE A 435 8.80 28.21 0.96
CA PHE A 435 9.65 28.37 2.13
C PHE A 435 10.23 29.78 2.16
N GLU A 436 10.27 30.35 3.35
CA GLU A 436 10.83 31.68 3.56
C GLU A 436 11.41 31.80 4.97
N ALA A 437 10.95 30.93 5.86
CA ALA A 437 11.33 30.86 7.27
C ALA A 437 10.12 30.60 8.15
N ASN B 27 -2.00 13.70 21.43
CA ASN B 27 -2.27 12.27 21.12
C ASN B 27 -3.62 11.83 21.68
N LYS B 28 -4.48 11.37 20.78
CA LYS B 28 -5.78 10.84 21.16
C LYS B 28 -5.63 9.34 21.41
N ARG B 29 -6.38 8.84 22.38
CA ARG B 29 -6.32 7.43 22.73
C ARG B 29 -7.13 6.58 21.75
N VAL B 30 -6.50 5.51 21.25
CA VAL B 30 -7.12 4.67 20.22
C VAL B 30 -7.44 3.30 20.78
N VAL B 31 -8.69 2.88 20.64
CA VAL B 31 -9.15 1.61 21.20
C VAL B 31 -9.73 0.69 20.12
N ILE B 32 -9.69 -0.61 20.39
CA ILE B 32 -10.25 -1.62 19.51
C ILE B 32 -11.65 -1.98 19.98
N THR B 33 -12.65 -1.70 19.15
CA THR B 33 -14.03 -1.96 19.53
C THR B 33 -14.67 -3.13 18.77
N GLY B 34 -14.07 -3.52 17.66
CA GLY B 34 -14.63 -4.58 16.84
C GLY B 34 -13.59 -5.45 16.18
N MET B 35 -13.93 -6.73 16.00
CA MET B 35 -13.05 -7.69 15.37
C MET B 35 -13.81 -8.56 14.39
N GLY B 36 -13.17 -8.86 13.27
CA GLY B 36 -13.74 -9.73 12.25
C GLY B 36 -12.64 -10.60 11.68
N ALA B 37 -12.94 -11.87 11.41
CA ALA B 37 -11.92 -12.80 10.95
C ALA B 37 -12.42 -13.98 10.12
N LEU B 38 -11.65 -14.33 9.10
CA LEU B 38 -11.82 -15.55 8.33
C LEU B 38 -10.45 -16.20 8.31
N SER B 39 -10.36 -17.41 8.83
CA SER B 39 -9.06 -18.07 8.98
C SER B 39 -9.19 -19.58 8.74
N PRO B 40 -8.05 -20.27 8.50
CA PRO B 40 -8.07 -21.73 8.37
C PRO B 40 -8.60 -22.47 9.60
N ILE B 41 -8.71 -21.79 10.74
CA ILE B 41 -9.25 -22.42 11.95
C ILE B 41 -10.54 -21.76 12.45
N GLY B 42 -11.33 -21.20 11.53
CA GLY B 42 -12.60 -20.59 11.91
C GLY B 42 -13.09 -19.50 10.98
N ASN B 43 -14.40 -19.48 10.75
CA ASN B 43 -15.01 -18.50 9.86
C ASN B 43 -15.55 -17.24 10.57
N ASP B 44 -15.15 -17.08 11.83
CA ASP B 44 -15.43 -15.86 12.60
C ASP B 44 -14.46 -15.80 13.77
N VAL B 45 -14.48 -14.68 14.51
CA VAL B 45 -13.53 -14.50 15.60
C VAL B 45 -13.67 -15.57 16.69
N LYS B 46 -14.89 -15.75 17.20
CA LYS B 46 -15.13 -16.73 18.26
C LYS B 46 -14.62 -18.12 17.90
N THR B 47 -14.97 -18.61 16.71
CA THR B 47 -14.49 -19.92 16.26
C THR B 47 -12.96 -19.91 16.18
N THR B 48 -12.41 -18.95 15.43
CA THR B 48 -10.96 -18.82 15.25
C THR B 48 -10.18 -18.82 16.59
N TRP B 49 -10.63 -17.98 17.53
CA TRP B 49 -9.98 -17.84 18.83
C TRP B 49 -10.14 -19.06 19.72
N GLU B 50 -11.35 -19.60 19.79
CA GLU B 50 -11.61 -20.82 20.55
C GLU B 50 -10.74 -21.96 20.01
N ASN B 51 -10.90 -22.24 18.72
CA ASN B 51 -10.07 -23.23 18.02
C ASN B 51 -8.58 -22.98 18.21
N ALA B 52 -8.19 -21.71 18.32
CA ALA B 52 -6.79 -21.35 18.54
C ALA B 52 -6.31 -21.76 19.92
N LEU B 53 -7.18 -21.67 20.91
CA LEU B 53 -6.82 -22.02 22.28
C LEU B 53 -6.83 -23.54 22.51
N LYS B 54 -7.25 -24.28 21.50
CA LYS B 54 -7.26 -25.74 21.54
C LYS B 54 -6.15 -26.35 20.67
N GLY B 55 -5.35 -25.49 20.07
CA GLY B 55 -4.25 -25.92 19.22
C GLY B 55 -4.70 -26.67 17.98
N VAL B 56 -5.75 -26.17 17.34
CA VAL B 56 -6.31 -26.81 16.15
C VAL B 56 -5.41 -26.58 14.92
N ASN B 57 -5.31 -27.61 14.09
CA ASN B 57 -4.52 -27.57 12.87
C ASN B 57 -5.36 -27.08 11.69
N GLY B 58 -4.99 -25.93 11.12
CA GLY B 58 -5.68 -25.41 9.94
C GLY B 58 -5.09 -25.93 8.65
N ILE B 59 -3.89 -26.50 8.73
CA ILE B 59 -3.17 -27.00 7.56
C ILE B 59 -3.72 -28.36 7.12
N ASP B 60 -3.96 -28.49 5.82
CA ASP B 60 -4.42 -29.74 5.22
C ASP B 60 -4.19 -29.73 3.72
N LYS B 61 -4.45 -30.87 3.07
CA LYS B 61 -4.26 -31.00 1.62
C LYS B 61 -5.05 -29.95 0.84
N ILE B 62 -4.43 -29.45 -0.23
CA ILE B 62 -5.04 -28.40 -1.05
C ILE B 62 -6.17 -28.97 -1.91
N THR B 63 -7.32 -28.30 -1.84
CA THR B 63 -8.48 -28.67 -2.65
C THR B 63 -8.81 -27.55 -3.63
N ARG B 64 -8.21 -26.39 -3.39
CA ARG B 64 -8.41 -25.22 -4.24
C ARG B 64 -8.00 -25.46 -5.68
N ILE B 65 -6.86 -26.12 -5.86
CA ILE B 65 -6.30 -26.38 -7.18
C ILE B 65 -5.64 -27.76 -7.24
N ASP B 66 -5.50 -28.30 -8.45
CA ASP B 66 -4.75 -29.53 -8.67
C ASP B 66 -3.29 -29.26 -8.38
N THR B 67 -2.77 -29.94 -7.37
CA THR B 67 -1.42 -29.71 -6.86
C THR B 67 -0.40 -30.74 -7.36
N GLU B 68 -0.78 -31.49 -8.39
CA GLU B 68 0.05 -32.58 -8.92
C GLU B 68 1.45 -32.18 -9.42
N PRO B 69 1.55 -31.14 -10.28
CA PRO B 69 2.88 -30.78 -10.78
C PRO B 69 3.80 -30.06 -9.77
N TYR B 70 3.28 -29.73 -8.60
CA TYR B 70 4.04 -28.99 -7.59
C TYR B 70 4.61 -29.92 -6.53
N SER B 71 5.49 -29.40 -5.68
CA SER B 71 6.10 -30.14 -4.60
C SER B 71 5.42 -29.84 -3.27
N VAL B 72 4.58 -28.80 -3.28
CA VAL B 72 3.83 -28.41 -2.09
C VAL B 72 2.39 -28.83 -2.28
N HIS B 73 1.83 -29.49 -1.26
CA HIS B 73 0.47 -30.01 -1.36
C HIS B 73 -0.41 -29.63 -0.16
N LEU B 74 0.18 -28.90 0.78
CA LEU B 74 -0.53 -28.45 1.97
C LEU B 74 -0.75 -26.94 1.97
N ALA B 75 -1.76 -26.50 2.72
CA ALA B 75 -2.09 -25.08 2.87
C ALA B 75 -3.17 -24.90 3.93
N GLY B 76 -3.29 -23.69 4.44
CA GLY B 76 -4.35 -23.37 5.39
C GLY B 76 -5.54 -22.73 4.68
N GLU B 77 -6.46 -23.56 4.20
CA GLU B 77 -7.65 -23.08 3.52
C GLU B 77 -8.79 -22.86 4.51
N LEU B 78 -9.71 -21.96 4.16
CA LEU B 78 -10.92 -21.76 4.95
C LEU B 78 -11.76 -23.02 4.84
N LYS B 79 -12.34 -23.45 5.96
CA LYS B 79 -13.14 -24.68 5.96
C LYS B 79 -14.64 -24.41 5.97
N ASN B 80 -15.35 -25.11 5.10
CA ASN B 80 -16.81 -24.99 4.97
C ASN B 80 -17.25 -23.54 4.76
N PHE B 81 -16.58 -22.85 3.83
CA PHE B 81 -16.89 -21.45 3.55
C PHE B 81 -17.47 -21.28 2.16
N ASN B 82 -18.73 -20.83 2.10
CA ASN B 82 -19.36 -20.48 0.84
C ASN B 82 -19.68 -18.99 0.83
N ILE B 83 -19.20 -18.30 -0.20
CA ILE B 83 -19.38 -16.86 -0.31
C ILE B 83 -20.84 -16.45 -0.52
N GLU B 84 -21.64 -17.36 -1.07
CA GLU B 84 -23.06 -17.10 -1.33
C GLU B 84 -23.90 -17.03 -0.06
N ASP B 85 -23.32 -17.44 1.07
CA ASP B 85 -23.97 -17.32 2.36
C ASP B 85 -23.93 -15.87 2.85
N HIS B 86 -22.98 -15.10 2.32
CA HIS B 86 -22.75 -13.73 2.76
C HIS B 86 -23.06 -12.69 1.70
N ILE B 87 -22.75 -12.99 0.45
CA ILE B 87 -22.89 -12.05 -0.66
C ILE B 87 -23.60 -12.72 -1.83
N ASP B 88 -24.53 -12.00 -2.45
CA ASP B 88 -25.24 -12.50 -3.63
C ASP B 88 -24.24 -12.86 -4.73
N LYS B 89 -24.52 -13.96 -5.44
CA LYS B 89 -23.61 -14.49 -6.47
C LYS B 89 -23.23 -13.47 -7.56
N LYS B 90 -24.17 -12.60 -7.91
CA LYS B 90 -23.94 -11.61 -8.96
C LYS B 90 -22.87 -10.59 -8.58
N GLU B 91 -22.79 -10.29 -7.28
CA GLU B 91 -21.80 -9.33 -6.78
C GLU B 91 -20.49 -10.00 -6.37
N ALA B 92 -20.58 -11.25 -5.92
CA ALA B 92 -19.41 -12.01 -5.53
C ALA B 92 -18.56 -12.39 -6.74
N ARG B 93 -19.23 -12.66 -7.86
CA ARG B 93 -18.54 -13.01 -9.12
C ARG B 93 -17.62 -11.90 -9.59
N ARG B 94 -17.88 -10.68 -9.12
CA ARG B 94 -17.08 -9.52 -9.48
C ARG B 94 -16.06 -9.19 -8.39
N MET B 95 -15.75 -10.17 -7.55
CA MET B 95 -14.78 -9.99 -6.46
C MET B 95 -13.82 -11.17 -6.40
N ASP B 96 -12.52 -10.87 -6.43
CA ASP B 96 -11.51 -11.88 -6.17
C ASP B 96 -11.67 -12.31 -4.72
N ARG B 97 -11.28 -13.55 -4.42
CA ARG B 97 -11.40 -14.05 -3.06
C ARG B 97 -10.85 -13.10 -1.99
N PHE B 98 -9.70 -12.49 -2.23
CA PHE B 98 -9.10 -11.60 -1.22
C PHE B 98 -10.02 -10.45 -0.84
N THR B 99 -10.80 -9.96 -1.79
CA THR B 99 -11.79 -8.91 -1.53
C THR B 99 -13.01 -9.50 -0.82
N GLN B 100 -13.43 -10.69 -1.28
CA GLN B 100 -14.54 -11.42 -0.65
C GLN B 100 -14.29 -11.60 0.84
N TYR B 101 -13.05 -11.95 1.19
CA TYR B 101 -12.69 -12.18 2.59
C TYR B 101 -12.72 -10.89 3.39
N ALA B 102 -12.24 -9.81 2.77
CA ALA B 102 -12.22 -8.48 3.38
C ALA B 102 -13.63 -7.98 3.68
N ILE B 103 -14.54 -8.15 2.72
CA ILE B 103 -15.94 -7.75 2.90
C ILE B 103 -16.57 -8.46 4.10
N VAL B 104 -16.48 -9.79 4.10
CA VAL B 104 -17.09 -10.62 5.13
C VAL B 104 -16.51 -10.34 6.53
N ALA B 105 -15.20 -10.15 6.62
CA ALA B 105 -14.58 -9.90 7.92
C ALA B 105 -14.83 -8.47 8.43
N ALA B 106 -14.86 -7.51 7.52
CA ALA B 106 -15.13 -6.12 7.90
C ALA B 106 -16.56 -5.98 8.44
N ARG B 107 -17.51 -6.61 7.76
CA ARG B 107 -18.90 -6.65 8.23
C ARG B 107 -18.99 -7.18 9.65
N GLU B 108 -18.25 -8.24 9.95
CA GLU B 108 -18.25 -8.85 11.27
C GLU B 108 -17.73 -7.89 12.34
N ALA B 109 -16.63 -7.20 12.02
CA ALA B 109 -16.03 -6.25 12.95
C ALA B 109 -16.93 -5.06 13.22
N VAL B 110 -17.62 -4.59 12.18
CA VAL B 110 -18.54 -3.46 12.30
C VAL B 110 -19.76 -3.87 13.14
N LYS B 111 -20.35 -5.03 12.82
CA LYS B 111 -21.44 -5.56 13.63
C LYS B 111 -21.00 -5.72 15.08
N ASP B 112 -19.80 -6.25 15.27
CA ASP B 112 -19.23 -6.49 16.59
C ASP B 112 -19.09 -5.20 17.40
N ALA B 113 -18.57 -4.16 16.74
CA ALA B 113 -18.40 -2.85 17.37
C ALA B 113 -19.71 -2.08 17.44
N GLN B 114 -20.71 -2.55 16.69
CA GLN B 114 -21.99 -1.86 16.55
C GLN B 114 -21.78 -0.42 16.09
N LEU B 115 -20.76 -0.23 15.24
CA LEU B 115 -20.47 1.06 14.64
C LEU B 115 -21.54 1.35 13.61
N ASP B 116 -22.18 2.51 13.74
CA ASP B 116 -23.20 2.90 12.79
C ASP B 116 -22.61 3.88 11.79
N ILE B 117 -22.69 3.52 10.51
CA ILE B 117 -22.18 4.35 9.44
C ILE B 117 -23.35 5.00 8.71
N ASN B 118 -23.52 6.29 8.90
CA ASN B 118 -24.62 7.05 8.33
C ASN B 118 -24.21 8.45 7.88
N GLU B 119 -25.21 9.24 7.46
CA GLU B 119 -25.02 10.62 6.99
C GLU B 119 -24.16 11.51 7.89
N ASN B 120 -24.25 11.31 9.20
CA ASN B 120 -23.53 12.15 10.16
C ASN B 120 -22.15 11.65 10.53
N THR B 121 -21.90 10.35 10.36
CA THR B 121 -20.66 9.73 10.82
C THR B 121 -19.70 9.35 9.68
N ALA B 122 -20.26 8.79 8.60
CA ALA B 122 -19.48 8.24 7.47
C ALA B 122 -18.21 8.99 7.07
N ASP B 123 -18.24 10.32 7.09
CA ASP B 123 -17.11 11.16 6.68
C ASP B 123 -15.89 11.00 7.57
N ARG B 124 -16.10 10.56 8.81
CA ARG B 124 -15.01 10.40 9.77
C ARG B 124 -14.73 8.93 10.11
N ILE B 125 -15.28 8.03 9.32
CA ILE B 125 -15.04 6.61 9.47
C ILE B 125 -14.35 6.13 8.21
N GLY B 126 -13.08 5.75 8.33
CA GLY B 126 -12.31 5.35 7.17
C GLY B 126 -12.03 3.86 7.07
N VAL B 127 -11.38 3.50 5.97
CA VAL B 127 -10.98 2.13 5.73
C VAL B 127 -9.50 2.10 5.36
N TRP B 128 -8.77 1.15 5.93
CA TRP B 128 -7.36 0.99 5.61
C TRP B 128 -6.99 -0.49 5.70
N ILE B 129 -7.28 -1.21 4.63
CA ILE B 129 -7.10 -2.65 4.58
C ILE B 129 -6.09 -3.00 3.48
N GLY B 130 -5.04 -3.69 3.86
CA GLY B 130 -4.01 -4.09 2.90
C GLY B 130 -4.14 -5.52 2.45
N SER B 131 -3.53 -5.80 1.30
CA SER B 131 -3.39 -7.14 0.78
C SER B 131 -2.01 -7.15 0.14
N GLY B 132 -1.15 -8.06 0.59
CA GLY B 132 0.23 -8.14 0.09
C GLY B 132 0.31 -8.58 -1.35
N ILE B 133 -0.65 -9.40 -1.78
CA ILE B 133 -0.61 -10.06 -3.09
C ILE B 133 -1.75 -9.67 -4.04
N GLY B 134 -2.90 -9.29 -3.49
CA GLY B 134 -4.03 -8.90 -4.32
C GLY B 134 -4.64 -10.08 -5.08
N GLY B 135 -5.23 -9.79 -6.24
CA GLY B 135 -6.01 -10.78 -6.98
C GLY B 135 -5.23 -11.73 -7.87
N MET B 136 -4.47 -12.63 -7.26
CA MET B 136 -3.68 -13.62 -8.00
C MET B 136 -4.50 -14.47 -8.95
N GLU B 137 -5.63 -14.99 -8.45
CA GLU B 137 -6.51 -15.83 -9.26
C GLU B 137 -7.11 -15.06 -10.44
N THR B 138 -7.61 -13.86 -10.18
CA THR B 138 -8.19 -13.02 -11.23
C THR B 138 -7.23 -12.81 -12.40
N PHE B 139 -5.96 -12.57 -12.08
CA PHE B 139 -4.92 -12.36 -13.07
C PHE B 139 -4.73 -13.62 -13.92
N GLU B 140 -4.64 -14.78 -13.26
CA GLU B 140 -4.47 -16.07 -13.93
C GLU B 140 -5.58 -16.36 -14.94
N ILE B 141 -6.82 -16.08 -14.53
CA ILE B 141 -7.99 -16.30 -15.38
C ILE B 141 -8.00 -15.37 -16.59
N ALA B 142 -7.84 -14.07 -16.34
CA ALA B 142 -7.86 -13.07 -17.41
C ALA B 142 -6.69 -13.20 -18.37
N HIS B 143 -5.52 -13.55 -17.85
CA HIS B 143 -4.35 -13.72 -18.71
C HIS B 143 -4.49 -14.93 -19.63
N LYS B 144 -5.11 -15.99 -19.11
CA LYS B 144 -5.40 -17.19 -19.90
C LYS B 144 -6.32 -16.87 -21.06
N GLN B 145 -7.39 -16.12 -20.78
CA GLN B 145 -8.34 -15.70 -21.81
C GLN B 145 -7.69 -14.81 -22.86
N LEU B 146 -6.86 -13.87 -22.41
CA LEU B 146 -6.14 -12.99 -23.32
C LEU B 146 -5.29 -13.79 -24.30
N MET B 147 -4.66 -14.84 -23.77
CA MET B 147 -3.75 -15.67 -24.55
C MET B 147 -4.45 -16.61 -25.53
N ASP B 148 -5.29 -17.52 -25.04
CA ASP B 148 -5.90 -18.52 -25.92
C ASP B 148 -7.24 -18.11 -26.56
N LYS B 149 -7.71 -16.90 -26.27
CA LYS B 149 -8.92 -16.37 -26.90
C LYS B 149 -8.67 -15.03 -27.56
N GLY B 150 -8.25 -14.04 -26.77
CA GLY B 150 -7.97 -12.71 -27.29
C GLY B 150 -8.34 -11.59 -26.33
N PRO B 151 -7.76 -10.39 -26.53
CA PRO B 151 -7.96 -9.22 -25.67
C PRO B 151 -9.43 -8.79 -25.46
N ARG B 152 -10.30 -9.07 -26.42
CA ARG B 152 -11.69 -8.66 -26.32
C ARG B 152 -12.54 -9.54 -25.39
N ARG B 153 -12.01 -10.69 -25.02
CA ARG B 153 -12.71 -11.59 -24.12
C ARG B 153 -12.32 -11.36 -22.64
N VAL B 154 -11.49 -10.34 -22.42
CA VAL B 154 -11.09 -9.95 -21.06
C VAL B 154 -12.23 -9.20 -20.39
N SER B 155 -12.62 -9.65 -19.20
CA SER B 155 -13.74 -9.05 -18.46
C SER B 155 -13.49 -7.58 -18.13
N PRO B 156 -14.53 -6.73 -18.26
CA PRO B 156 -14.46 -5.32 -17.87
C PRO B 156 -14.29 -5.11 -16.36
N PHE B 157 -14.40 -6.19 -15.59
CA PHE B 157 -14.24 -6.13 -14.14
C PHE B 157 -12.85 -6.62 -13.70
N PHE B 158 -11.99 -6.90 -14.68
CA PHE B 158 -10.65 -7.41 -14.42
C PHE B 158 -9.82 -6.49 -13.51
N VAL B 159 -9.63 -5.24 -13.94
CA VAL B 159 -8.82 -4.26 -13.19
C VAL B 159 -9.31 -4.07 -11.73
N PRO B 160 -10.60 -3.70 -11.55
CA PRO B 160 -11.08 -3.53 -10.17
C PRO B 160 -11.14 -4.82 -9.33
N MET B 161 -10.95 -5.98 -9.96
CA MET B 161 -10.85 -7.24 -9.24
C MET B 161 -9.41 -7.54 -8.85
N LEU B 162 -8.47 -7.06 -9.68
CA LEU B 162 -7.06 -7.43 -9.60
C LEU B 162 -6.25 -6.66 -8.55
N ILE B 163 -6.32 -5.34 -8.57
CA ILE B 163 -5.44 -4.49 -7.75
C ILE B 163 -5.73 -4.55 -6.23
N PRO B 164 -4.67 -4.43 -5.38
CA PRO B 164 -4.69 -4.64 -3.92
C PRO B 164 -5.57 -3.68 -3.11
N ASP B 165 -5.75 -2.45 -3.59
CA ASP B 165 -6.55 -1.44 -2.90
C ASP B 165 -8.04 -1.65 -3.11
N MET B 166 -8.40 -2.63 -3.92
CA MET B 166 -9.79 -2.90 -4.21
C MET B 166 -10.53 -3.50 -3.02
N ALA B 167 -9.80 -4.16 -2.13
CA ALA B 167 -10.40 -4.65 -0.89
C ALA B 167 -10.87 -3.48 -0.04
N THR B 168 -10.02 -2.45 0.08
CA THR B 168 -10.37 -1.21 0.77
C THR B 168 -11.51 -0.47 0.05
N GLY B 169 -11.42 -0.42 -1.28
CA GLY B 169 -12.45 0.22 -2.10
C GLY B 169 -13.81 -0.45 -1.96
N GLN B 170 -13.85 -1.77 -2.10
CA GLN B 170 -15.09 -2.52 -2.00
C GLN B 170 -15.66 -2.53 -0.59
N VAL B 171 -14.78 -2.57 0.41
CA VAL B 171 -15.21 -2.55 1.81
C VAL B 171 -15.88 -1.22 2.18
N SER B 172 -15.30 -0.11 1.74
CA SER B 172 -15.88 1.21 2.02
C SER B 172 -17.23 1.41 1.32
N ILE B 173 -17.33 0.96 0.07
CA ILE B 173 -18.60 1.01 -0.67
C ILE B 173 -19.67 0.21 0.07
N ASP B 174 -19.31 -1.02 0.43
CA ASP B 174 -20.22 -1.94 1.14
C ASP B 174 -20.71 -1.40 2.48
N LEU B 175 -19.87 -0.65 3.17
CA LEU B 175 -20.21 -0.14 4.50
C LEU B 175 -20.62 1.32 4.52
N GLY B 176 -20.33 2.04 3.43
CA GLY B 176 -20.60 3.47 3.36
C GLY B 176 -19.58 4.33 4.10
N ALA B 177 -18.45 3.73 4.48
CA ALA B 177 -17.39 4.43 5.19
C ALA B 177 -16.65 5.41 4.27
N LYS B 178 -16.53 6.66 4.71
CA LYS B 178 -16.02 7.72 3.83
C LYS B 178 -14.80 8.49 4.34
N GLY B 179 -14.27 8.11 5.51
CA GLY B 179 -13.06 8.75 6.03
C GLY B 179 -11.81 8.39 5.24
N PRO B 180 -10.63 8.64 5.82
CA PRO B 180 -9.36 8.33 5.16
C PRO B 180 -9.39 6.94 4.52
N ASN B 181 -8.98 6.86 3.25
CA ASN B 181 -9.13 5.64 2.47
C ASN B 181 -7.80 5.19 1.88
N GLY B 182 -7.35 3.99 2.23
CA GLY B 182 -6.05 3.52 1.78
C GLY B 182 -5.74 2.05 2.02
N ALA B 183 -4.49 1.69 1.75
CA ALA B 183 -4.00 0.33 1.90
C ALA B 183 -2.48 0.40 1.97
N THR B 184 -1.90 -0.26 2.97
CA THR B 184 -0.46 -0.33 3.07
C THR B 184 0.01 -1.71 2.63
N VAL B 185 0.68 -1.76 1.49
CA VAL B 185 1.14 -3.02 0.92
C VAL B 185 2.62 -3.24 1.23
N THR B 186 2.89 -4.13 2.18
CA THR B 186 4.28 -4.40 2.59
C THR B 186 4.53 -5.89 2.82
N ALA B 187 4.09 -6.69 1.86
CA ALA B 187 4.29 -8.15 1.89
C ALA B 187 3.67 -8.79 3.13
N CYS B 188 4.48 -9.56 3.87
CA CYS B 188 4.03 -10.25 5.07
C CYS B 188 3.61 -9.28 6.18
N ALA B 189 4.16 -8.06 6.13
CA ALA B 189 3.90 -7.05 7.15
C ALA B 189 2.68 -6.18 6.85
N THR B 190 1.99 -6.49 5.75
CA THR B 190 0.84 -5.69 5.29
C THR B 190 -0.23 -5.46 6.36
N GLY B 191 -0.70 -6.55 6.98
CA GLY B 191 -1.74 -6.44 8.01
C GLY B 191 -1.34 -5.52 9.14
N THR B 192 -0.08 -5.64 9.57
CA THR B 192 0.42 -4.89 10.72
C THR B 192 0.65 -3.41 10.39
N ASN B 193 1.21 -3.13 9.22
CA ASN B 193 1.42 -1.75 8.79
C ASN B 193 0.10 -1.03 8.59
N SER B 194 -0.83 -1.68 7.89
CA SER B 194 -2.15 -1.12 7.65
C SER B 194 -2.82 -0.65 8.94
N ILE B 195 -2.78 -1.52 9.95
CA ILE B 195 -3.34 -1.21 11.27
C ILE B 195 -2.59 -0.06 11.92
N GLY B 196 -1.26 -0.05 11.77
CA GLY B 196 -0.42 1.02 12.30
C GLY B 196 -0.74 2.38 11.71
N GLU B 197 -0.97 2.40 10.39
CA GLU B 197 -1.38 3.63 9.71
C GLU B 197 -2.73 4.13 10.19
N ALA B 198 -3.70 3.22 10.25
CA ALA B 198 -5.03 3.55 10.74
C ALA B 198 -4.96 4.08 12.17
N PHE B 199 -4.11 3.44 12.97
CA PHE B 199 -3.85 3.88 14.34
C PHE B 199 -3.37 5.33 14.40
N LYS B 200 -2.40 5.66 13.54
CA LYS B 200 -1.82 7.00 13.50
C LYS B 200 -2.80 8.04 12.96
N ILE B 201 -3.71 7.61 12.09
CA ILE B 201 -4.74 8.49 11.53
C ILE B 201 -5.73 8.93 12.62
N VAL B 202 -6.15 7.97 13.45
CA VAL B 202 -7.07 8.28 14.56
C VAL B 202 -6.34 9.11 15.61
N GLN B 203 -5.12 8.70 15.95
CA GLN B 203 -4.30 9.38 16.94
C GLN B 203 -4.06 10.87 16.63
N ARG B 204 -3.83 11.18 15.36
CA ARG B 204 -3.64 12.57 14.94
C ARG B 204 -4.99 13.27 14.77
N GLY B 205 -6.07 12.51 14.92
CA GLY B 205 -7.42 13.03 14.88
C GLY B 205 -8.00 13.27 13.49
N ASP B 206 -7.57 12.45 12.52
CA ASP B 206 -8.05 12.60 11.14
C ASP B 206 -9.27 11.75 10.84
N ALA B 207 -9.68 10.93 11.81
CA ALA B 207 -10.86 10.09 11.72
C ALA B 207 -11.29 9.75 13.13
N ASP B 208 -12.56 9.39 13.31
CA ASP B 208 -13.07 8.98 14.61
C ASP B 208 -12.91 7.48 14.75
N ALA B 209 -13.03 6.78 13.63
CA ALA B 209 -12.94 5.34 13.56
C ALA B 209 -12.31 4.92 12.24
N MET B 210 -11.67 3.76 12.25
CA MET B 210 -11.07 3.17 11.06
C MET B 210 -11.33 1.67 11.06
N ILE B 211 -11.70 1.15 9.90
CA ILE B 211 -11.88 -0.28 9.71
C ILE B 211 -10.63 -0.72 8.98
N THR B 212 -9.82 -1.54 9.63
CA THR B 212 -8.46 -1.78 9.16
C THR B 212 -7.96 -3.21 9.34
N GLY B 213 -6.95 -3.58 8.55
CA GLY B 213 -6.34 -4.90 8.67
C GLY B 213 -5.73 -5.45 7.40
N GLY B 214 -5.67 -6.77 7.31
CA GLY B 214 -5.08 -7.44 6.17
C GLY B 214 -5.97 -8.54 5.63
N THR B 215 -5.82 -8.84 4.35
CA THR B 215 -6.59 -9.89 3.70
C THR B 215 -5.72 -10.53 2.62
N GLU B 216 -5.98 -11.80 2.31
CA GLU B 216 -5.16 -12.52 1.32
C GLU B 216 -5.79 -13.81 0.84
N ALA B 217 -5.76 -14.00 -0.48
CA ALA B 217 -6.15 -15.26 -1.11
C ALA B 217 -4.99 -15.74 -1.99
N PRO B 218 -3.90 -16.25 -1.35
CA PRO B 218 -2.69 -16.61 -2.09
C PRO B 218 -2.65 -18.05 -2.64
N ILE B 219 -3.63 -18.88 -2.32
CA ILE B 219 -3.63 -20.27 -2.79
C ILE B 219 -3.99 -20.33 -4.27
N THR B 220 -2.99 -20.11 -5.12
CA THR B 220 -3.18 -20.10 -6.57
C THR B 220 -1.99 -20.78 -7.25
N HIS B 221 -2.16 -21.18 -8.50
CA HIS B 221 -1.08 -21.78 -9.27
C HIS B 221 0.19 -20.93 -9.22
N MET B 222 0.07 -19.67 -9.61
CA MET B 222 1.20 -18.75 -9.71
C MET B 222 1.86 -18.41 -8.37
N ALA B 223 1.11 -18.48 -7.28
CA ALA B 223 1.65 -18.19 -5.96
C ALA B 223 2.39 -19.37 -5.35
N ILE B 224 1.90 -20.57 -5.61
CA ILE B 224 2.57 -21.77 -5.11
C ILE B 224 3.84 -22.00 -5.90
N ALA B 225 3.74 -21.85 -7.23
CA ALA B 225 4.90 -21.98 -8.11
C ALA B 225 5.93 -20.89 -7.84
N GLY B 226 5.45 -19.69 -7.55
CA GLY B 226 6.32 -18.55 -7.27
C GLY B 226 7.10 -18.67 -5.98
N PHE B 227 6.43 -19.11 -4.92
CA PHE B 227 7.05 -19.21 -3.60
C PHE B 227 7.93 -20.43 -3.42
N SER B 228 7.59 -21.53 -4.09
CA SER B 228 8.41 -22.73 -4.04
C SER B 228 9.67 -22.56 -4.91
N ALA B 229 9.52 -21.83 -6.01
CA ALA B 229 10.63 -21.51 -6.89
C ALA B 229 11.72 -20.73 -6.13
N SER B 230 11.28 -19.82 -5.26
CA SER B 230 12.19 -19.05 -4.42
C SER B 230 12.54 -19.77 -3.12
N ARG B 231 12.20 -21.07 -3.07
CA ARG B 231 12.50 -21.96 -1.93
C ARG B 231 11.96 -21.52 -0.56
N ALA B 232 10.83 -20.82 -0.54
CA ALA B 232 10.25 -20.32 0.72
C ALA B 232 9.17 -21.22 1.33
N LEU B 233 8.64 -22.15 0.54
CA LEU B 233 7.57 -23.06 1.00
C LEU B 233 8.11 -24.44 1.37
N SER B 234 7.47 -25.08 2.35
CA SER B 234 7.79 -26.45 2.70
C SER B 234 7.27 -27.41 1.64
N THR B 235 8.04 -28.45 1.35
CA THR B 235 7.60 -29.49 0.41
C THR B 235 7.15 -30.70 1.23
N ASN B 236 7.12 -30.51 2.54
CA ASN B 236 6.65 -31.50 3.50
C ASN B 236 5.19 -31.85 3.29
N ASP B 237 4.86 -33.14 3.37
CA ASP B 237 3.49 -33.62 3.19
C ASP B 237 2.83 -34.02 4.51
N ASP B 238 3.64 -34.19 5.54
CA ASP B 238 3.16 -34.61 6.85
C ASP B 238 2.39 -33.47 7.52
N ILE B 239 1.08 -33.49 7.31
CA ILE B 239 0.14 -32.49 7.85
C ILE B 239 0.42 -32.03 9.28
N GLU B 240 1.04 -32.89 10.09
CA GLU B 240 1.29 -32.59 11.49
C GLU B 240 2.71 -32.08 11.80
N THR B 241 3.53 -31.90 10.77
CA THR B 241 4.89 -31.37 10.95
C THR B 241 5.29 -30.38 9.86
N ALA B 242 4.42 -30.17 8.88
CA ALA B 242 4.68 -29.22 7.81
C ALA B 242 5.10 -27.87 8.37
N CYS B 243 4.29 -27.33 9.27
CA CYS B 243 4.58 -26.04 9.92
C CYS B 243 5.04 -26.25 11.35
N ARG B 244 6.35 -26.14 11.56
CA ARG B 244 6.94 -26.27 12.89
C ARG B 244 7.75 -25.03 13.22
N PRO B 245 7.06 -23.94 13.63
CA PRO B 245 7.79 -22.72 13.97
C PRO B 245 8.82 -22.96 15.08
N PHE B 246 9.99 -22.36 14.92
CA PHE B 246 11.06 -22.37 15.94
C PHE B 246 11.72 -23.73 16.21
N GLN B 247 11.18 -24.80 15.62
CA GLN B 247 11.65 -26.15 15.92
C GLN B 247 12.74 -26.64 14.95
N GLU B 248 13.19 -27.87 15.18
CA GLU B 248 14.38 -28.44 14.51
C GLU B 248 14.25 -28.65 13.00
N GLY B 249 13.19 -29.31 12.55
CA GLY B 249 13.07 -29.66 11.14
C GLY B 249 12.47 -28.63 10.18
N ARG B 250 12.16 -27.43 10.69
CA ARG B 250 11.50 -26.39 9.89
C ARG B 250 12.16 -26.16 8.52
N ASP B 251 11.36 -26.17 7.46
CA ASP B 251 11.87 -26.03 6.10
C ASP B 251 11.10 -25.01 5.25
N GLY B 252 10.67 -23.92 5.87
CA GLY B 252 9.91 -22.88 5.16
C GLY B 252 8.49 -22.76 5.66
N PHE B 253 7.79 -21.73 5.22
CA PHE B 253 6.43 -21.48 5.70
C PHE B 253 5.36 -22.28 4.97
N VAL B 254 4.20 -22.40 5.63
CA VAL B 254 3.03 -23.00 5.02
C VAL B 254 2.02 -21.90 4.76
N MET B 255 1.55 -21.85 3.52
CA MET B 255 0.67 -20.79 3.03
C MET B 255 -0.75 -20.92 3.57
N GLY B 256 -1.36 -19.78 3.90
CA GLY B 256 -2.74 -19.73 4.36
C GLY B 256 -3.51 -18.57 3.76
N GLU B 257 -4.84 -18.63 3.86
CA GLU B 257 -5.70 -17.57 3.36
C GLU B 257 -6.58 -17.04 4.50
N GLY B 258 -7.17 -15.86 4.31
CA GLY B 258 -8.05 -15.28 5.31
C GLY B 258 -8.03 -13.78 5.36
N ALA B 259 -8.60 -13.23 6.42
CA ALA B 259 -8.69 -11.77 6.61
C ALA B 259 -8.83 -11.44 8.09
N GLY B 260 -8.06 -10.47 8.54
CA GLY B 260 -8.10 -10.03 9.93
C GLY B 260 -8.41 -8.56 9.97
N ILE B 261 -9.63 -8.22 10.38
CA ILE B 261 -10.09 -6.83 10.36
C ILE B 261 -10.47 -6.35 11.76
N LEU B 262 -9.99 -5.14 12.08
CA LEU B 262 -10.24 -4.47 13.33
C LEU B 262 -11.08 -3.22 13.09
N VAL B 263 -11.97 -2.91 14.03
CA VAL B 263 -12.58 -1.58 14.06
C VAL B 263 -11.87 -0.86 15.20
N ILE B 264 -11.15 0.20 14.87
CA ILE B 264 -10.45 0.97 15.87
C ILE B 264 -11.09 2.37 15.93
N GLU B 265 -11.06 2.97 17.11
CA GLU B 265 -11.83 4.17 17.35
C GLU B 265 -11.09 5.03 18.38
N SER B 266 -11.37 6.33 18.37
CA SER B 266 -10.88 7.23 19.42
C SER B 266 -11.59 6.86 20.71
N LEU B 267 -10.97 7.14 21.86
CA LEU B 267 -11.60 6.86 23.13
C LEU B 267 -12.89 7.66 23.30
N GLU B 268 -12.83 8.96 22.99
CA GLU B 268 -13.99 9.85 23.11
C GLU B 268 -15.17 9.32 22.30
N SER B 269 -14.89 8.81 21.11
CA SER B 269 -15.92 8.29 20.21
C SER B 269 -16.54 6.98 20.72
N ALA B 270 -15.69 6.03 21.12
CA ALA B 270 -16.15 4.76 21.64
C ALA B 270 -17.02 4.92 22.90
N GLN B 271 -16.63 5.85 23.76
CA GLN B 271 -17.37 6.13 24.99
C GLN B 271 -18.68 6.87 24.74
N ALA B 272 -18.67 7.82 23.80
CA ALA B 272 -19.85 8.58 23.45
C ALA B 272 -20.99 7.71 22.92
N ARG B 273 -20.66 6.73 22.07
CA ARG B 273 -21.68 5.84 21.50
C ARG B 273 -21.87 4.56 22.32
N GLY B 274 -21.08 4.40 23.38
CA GLY B 274 -21.20 3.25 24.28
C GLY B 274 -20.78 1.93 23.66
N ALA B 275 -19.48 1.76 23.43
CA ALA B 275 -18.95 0.52 22.87
C ALA B 275 -18.04 -0.21 23.85
N ASN B 276 -18.16 -1.55 23.86
CA ASN B 276 -17.25 -2.39 24.64
C ASN B 276 -15.85 -2.30 24.07
N ILE B 277 -14.86 -2.21 24.96
CA ILE B 277 -13.47 -2.05 24.52
C ILE B 277 -12.69 -3.33 24.76
N TYR B 278 -12.05 -3.83 23.70
CA TYR B 278 -11.20 -5.01 23.80
C TYR B 278 -9.84 -4.64 24.37
N ALA B 279 -9.23 -3.61 23.79
CA ALA B 279 -7.90 -3.14 24.20
C ALA B 279 -7.59 -1.82 23.53
N GLU B 280 -6.47 -1.24 23.95
CA GLU B 280 -5.98 0.02 23.41
C GLU B 280 -4.75 -0.27 22.54
N ILE B 281 -4.62 0.48 21.44
CA ILE B 281 -3.40 0.43 20.65
C ILE B 281 -2.54 1.59 21.13
N VAL B 282 -1.30 1.30 21.54
CA VAL B 282 -0.44 2.33 22.15
C VAL B 282 0.89 2.57 21.45
N GLY B 283 1.32 1.62 20.62
CA GLY B 283 2.62 1.74 19.98
C GLY B 283 2.67 1.14 18.60
N TYR B 284 3.50 1.73 17.73
CA TYR B 284 3.68 1.23 16.38
C TYR B 284 5.05 1.65 15.88
N GLY B 285 5.81 0.66 15.43
CA GLY B 285 7.13 0.88 14.87
C GLY B 285 7.24 0.20 13.53
N THR B 286 7.94 0.86 12.61
CA THR B 286 8.22 0.30 11.30
C THR B 286 9.64 0.65 10.87
N THR B 287 10.38 -0.33 10.38
CA THR B 287 11.74 -0.10 9.92
C THR B 287 12.00 -0.85 8.62
N GLY B 288 13.11 -0.54 7.97
CA GLY B 288 13.55 -1.27 6.79
C GLY B 288 14.90 -1.91 7.06
N ASP B 289 15.04 -3.18 6.67
CA ASP B 289 16.31 -3.89 6.78
C ASP B 289 17.41 -3.27 5.91
N ALA B 290 17.04 -2.89 4.68
CA ALA B 290 18.00 -2.42 3.67
C ALA B 290 19.14 -3.42 3.46
N TYR B 291 18.79 -4.71 3.44
CA TYR B 291 19.77 -5.77 3.36
C TYR B 291 19.57 -6.65 2.13
N HIS B 292 18.51 -7.45 2.14
CA HIS B 292 18.25 -8.40 1.08
C HIS B 292 16.76 -8.41 0.73
N ILE B 293 16.43 -8.79 -0.51
CA ILE B 293 15.04 -8.81 -0.96
C ILE B 293 14.15 -9.86 -0.28
N THR B 294 14.76 -10.97 0.16
CA THR B 294 14.02 -12.04 0.81
C THR B 294 14.63 -12.44 2.16
N ALA B 295 15.95 -12.40 2.24
CA ALA B 295 16.67 -12.81 3.45
C ALA B 295 16.66 -11.72 4.53
N PRO B 296 16.33 -12.09 5.79
CA PRO B 296 16.29 -11.15 6.90
C PRO B 296 17.66 -10.55 7.20
N ALA B 297 17.65 -9.31 7.69
CA ALA B 297 18.87 -8.66 8.13
C ALA B 297 19.50 -9.57 9.17
N PRO B 298 20.83 -9.62 9.20
CA PRO B 298 21.50 -10.44 10.18
C PRO B 298 21.16 -10.06 11.60
N GLU B 299 20.96 -11.11 12.39
CA GLU B 299 20.59 -11.00 13.78
C GLU B 299 19.28 -10.24 13.95
N GLY B 300 18.42 -10.31 12.93
CA GLY B 300 17.12 -9.61 12.95
C GLY B 300 17.24 -8.18 13.45
N GLU B 301 18.32 -7.51 13.06
CA GLU B 301 18.62 -6.15 13.48
C GLU B 301 17.49 -5.16 13.17
N GLY B 302 16.92 -5.28 11.97
CA GLY B 302 15.79 -4.43 11.57
C GLY B 302 14.58 -4.71 12.46
N GLY B 303 14.34 -5.98 12.73
CA GLY B 303 13.28 -6.41 13.65
C GLY B 303 13.42 -5.78 15.02
N SER B 304 14.66 -5.70 15.51
CA SER B 304 14.94 -5.11 16.82
C SER B 304 14.62 -3.62 16.87
N ARG B 305 15.02 -2.90 15.82
CA ARG B 305 14.75 -1.47 15.73
C ARG B 305 13.24 -1.20 15.69
N ALA B 306 12.50 -2.07 15.00
CA ALA B 306 11.05 -1.96 14.90
C ALA B 306 10.37 -2.20 16.26
N MET B 307 10.87 -3.18 17.00
CA MET B 307 10.35 -3.49 18.34
C MET B 307 10.67 -2.35 19.30
N GLN B 308 11.87 -1.79 19.17
CA GLN B 308 12.29 -0.69 20.02
C GLN B 308 11.46 0.56 19.72
N ALA B 309 11.25 0.82 18.42
CA ALA B 309 10.45 1.97 17.98
C ALA B 309 9.02 1.93 18.53
N ALA B 310 8.41 0.74 18.46
CA ALA B 310 7.05 0.55 18.96
C ALA B 310 6.94 0.74 20.48
N MET B 311 7.99 0.34 21.21
CA MET B 311 8.03 0.50 22.65
C MET B 311 8.30 1.95 23.04
N ASP B 312 9.14 2.62 22.25
CA ASP B 312 9.40 4.03 22.44
C ASP B 312 8.14 4.84 22.16
N ASP B 313 7.37 4.39 21.17
CA ASP B 313 6.12 5.02 20.81
C ASP B 313 5.13 4.85 21.97
N ALA B 314 5.04 3.61 22.47
CA ALA B 314 4.13 3.27 23.55
C ALA B 314 4.52 3.85 24.90
N GLY B 315 5.78 4.23 25.05
CA GLY B 315 6.29 4.76 26.31
C GLY B 315 6.50 3.66 27.34
N ILE B 316 7.07 2.54 26.89
CA ILE B 316 7.37 1.41 27.77
C ILE B 316 8.76 0.86 27.50
N GLU B 317 9.21 0.01 28.41
CA GLU B 317 10.49 -0.67 28.29
C GLU B 317 10.21 -2.16 28.10
N PRO B 318 11.22 -2.94 27.66
CA PRO B 318 11.00 -4.37 27.45
C PRO B 318 10.45 -5.13 28.66
N LYS B 319 10.65 -4.59 29.86
CA LYS B 319 10.14 -5.17 31.12
C LYS B 319 8.62 -5.27 31.16
N ASP B 320 7.96 -4.37 30.43
CA ASP B 320 6.52 -4.20 30.51
C ASP B 320 5.71 -5.15 29.63
N VAL B 321 6.38 -5.83 28.71
CA VAL B 321 5.70 -6.73 27.78
C VAL B 321 5.65 -8.16 28.33
N GLN B 322 4.43 -8.70 28.46
CA GLN B 322 4.24 -10.07 28.95
C GLN B 322 4.09 -11.05 27.81
N TYR B 323 3.50 -10.59 26.71
CA TYR B 323 3.25 -11.44 25.55
C TYR B 323 3.72 -10.80 24.24
N LEU B 324 4.22 -11.66 23.34
CA LEU B 324 4.66 -11.23 22.02
C LEU B 324 4.22 -12.25 20.99
N ASN B 325 3.24 -11.89 20.17
CA ASN B 325 2.88 -12.73 19.06
C ASN B 325 3.98 -12.61 18.03
N ALA B 326 4.79 -13.66 17.91
CA ALA B 326 5.96 -13.65 17.04
C ALA B 326 5.54 -13.79 15.58
N HIS B 327 6.45 -13.41 14.69
CA HIS B 327 6.22 -13.62 13.27
C HIS B 327 6.37 -15.10 12.96
N GLY B 328 7.46 -15.69 13.46
CA GLY B 328 7.75 -17.12 13.35
C GLY B 328 7.01 -17.90 12.28
N THR B 329 7.54 -17.87 11.06
CA THR B 329 6.89 -18.48 9.91
C THR B 329 7.34 -19.92 9.62
N SER B 330 8.20 -20.47 10.48
CA SER B 330 8.73 -21.83 10.31
C SER B 330 9.78 -21.92 9.19
N THR B 331 10.63 -20.90 9.09
CA THR B 331 11.75 -20.89 8.15
C THR B 331 13.05 -20.94 8.94
N PRO B 332 14.09 -21.60 8.40
CA PRO B 332 15.37 -21.67 9.09
C PRO B 332 15.90 -20.31 9.55
N VAL B 333 16.17 -19.43 8.59
CA VAL B 333 16.80 -18.13 8.87
C VAL B 333 15.86 -17.19 9.62
N GLY B 334 14.59 -17.17 9.22
CA GLY B 334 13.60 -16.26 9.79
C GLY B 334 13.43 -16.47 11.29
N ASP B 335 13.04 -17.69 11.67
CA ASP B 335 12.77 -18.02 13.07
C ASP B 335 13.99 -17.82 13.96
N LEU B 336 15.18 -18.13 13.42
CA LEU B 336 16.43 -17.96 14.16
C LEU B 336 16.75 -16.48 14.37
N ASN B 337 16.60 -15.69 13.29
CA ASN B 337 16.86 -14.26 13.35
C ASN B 337 15.89 -13.48 14.22
N GLU B 338 14.64 -13.94 14.28
CA GLU B 338 13.65 -13.31 15.15
C GLU B 338 14.01 -13.49 16.61
N VAL B 339 14.30 -14.73 17.01
CA VAL B 339 14.79 -15.02 18.36
C VAL B 339 15.97 -14.11 18.68
N LYS B 340 16.91 -14.00 17.75
CA LYS B 340 18.06 -13.12 17.92
C LYS B 340 17.63 -11.68 18.17
N ALA B 341 16.69 -11.19 17.36
CA ALA B 341 16.14 -9.85 17.52
C ALA B 341 15.50 -9.67 18.89
N ILE B 342 14.66 -10.62 19.27
CA ILE B 342 13.99 -10.63 20.56
C ILE B 342 15.01 -10.63 21.69
N LYS B 343 15.99 -11.53 21.61
CA LYS B 343 17.06 -11.61 22.61
C LYS B 343 17.81 -10.30 22.76
N ASN B 344 18.20 -9.71 21.63
CA ASN B 344 18.93 -8.44 21.62
C ASN B 344 18.15 -7.26 22.19
N THR B 345 16.85 -7.24 21.93
CA THR B 345 15.99 -6.13 22.32
C THR B 345 15.48 -6.23 23.77
N PHE B 346 15.05 -7.42 24.18
CA PHE B 346 14.51 -7.61 25.51
C PHE B 346 15.59 -7.84 26.56
N GLY B 347 16.62 -8.60 26.19
CA GLY B 347 17.78 -8.81 27.07
C GLY B 347 17.53 -9.82 28.17
N GLU B 348 17.57 -9.33 29.41
CA GLU B 348 17.32 -10.17 30.59
C GLU B 348 15.87 -10.63 30.62
N ALA B 349 14.97 -9.74 30.26
CA ALA B 349 13.53 -10.00 30.25
C ALA B 349 13.13 -11.03 29.19
N ALA B 350 14.06 -11.36 28.30
CA ALA B 350 13.80 -12.28 27.19
C ALA B 350 13.28 -13.64 27.63
N LYS B 351 13.86 -14.19 28.70
CA LYS B 351 13.46 -15.51 29.19
C LYS B 351 12.31 -15.45 30.21
N HIS B 352 11.73 -14.27 30.36
CA HIS B 352 10.54 -14.08 31.19
C HIS B 352 9.36 -13.61 30.33
N LEU B 353 9.60 -13.59 29.02
CA LEU B 353 8.62 -13.15 28.04
C LEU B 353 7.89 -14.38 27.50
N LYS B 354 6.57 -14.27 27.38
CA LYS B 354 5.79 -15.32 26.75
C LYS B 354 5.65 -15.02 25.27
N VAL B 355 6.39 -15.76 24.46
CA VAL B 355 6.37 -15.61 23.02
C VAL B 355 5.55 -16.76 22.46
N SER B 356 4.85 -16.52 21.36
CA SER B 356 4.12 -17.60 20.70
C SER B 356 3.89 -17.27 19.23
N SER B 357 3.92 -18.31 18.40
CA SER B 357 3.67 -18.16 16.98
C SER B 357 2.39 -18.89 16.60
N THR B 358 1.33 -18.12 16.39
CA THR B 358 0.02 -18.68 16.07
C THR B 358 -0.07 -19.15 14.62
N LYS B 359 0.99 -18.92 13.84
CA LYS B 359 1.04 -19.42 12.47
C LYS B 359 1.15 -20.93 12.43
N SER B 360 1.59 -21.51 13.54
CA SER B 360 1.64 -22.96 13.73
C SER B 360 0.29 -23.62 13.47
N MET B 361 -0.78 -22.86 13.67
CA MET B 361 -2.14 -23.36 13.52
C MET B 361 -2.82 -22.86 12.24
N THR B 362 -2.60 -21.58 11.91
CA THR B 362 -3.25 -20.96 10.76
C THR B 362 -2.43 -21.04 9.47
N GLY B 363 -1.11 -21.19 9.62
CA GLY B 363 -0.22 -21.07 8.48
C GLY B 363 0.18 -19.62 8.34
N HIS B 364 0.92 -19.31 7.28
CA HIS B 364 1.34 -17.94 7.04
C HIS B 364 0.38 -17.28 6.06
N LEU B 365 -0.44 -16.37 6.59
CA LEU B 365 -1.51 -15.77 5.82
C LEU B 365 -1.05 -14.56 5.00
N LEU B 366 0.26 -14.29 5.01
CA LEU B 366 0.86 -13.19 4.26
C LEU B 366 0.27 -11.84 4.63
N GLY B 367 -0.55 -11.26 3.75
CA GLY B 367 -1.20 -9.98 4.02
C GLY B 367 -2.13 -9.99 5.22
N ALA B 368 -2.90 -11.07 5.36
CA ALA B 368 -3.90 -11.20 6.40
C ALA B 368 -3.32 -11.45 7.80
N THR B 369 -2.13 -12.04 7.84
CA THR B 369 -1.52 -12.50 9.09
C THR B 369 -1.34 -11.40 10.14
N GLY B 370 -1.02 -10.17 9.70
CA GLY B 370 -0.89 -9.04 10.62
C GLY B 370 -2.19 -8.69 11.33
N GLY B 371 -3.29 -8.81 10.60
CA GLY B 371 -4.62 -8.55 11.15
C GLY B 371 -5.09 -9.64 12.10
N ILE B 372 -4.92 -10.89 11.69
CA ILE B 372 -5.28 -12.05 12.50
C ILE B 372 -4.51 -12.06 13.82
N GLU B 373 -3.26 -11.61 13.78
CA GLU B 373 -2.41 -11.59 14.96
C GLU B 373 -2.67 -10.40 15.88
N ALA B 374 -3.10 -9.28 15.30
CA ALA B 374 -3.51 -8.12 16.11
C ALA B 374 -4.73 -8.50 16.93
N ILE B 375 -5.61 -9.28 16.30
CA ILE B 375 -6.79 -9.85 16.95
C ILE B 375 -6.37 -10.77 18.10
N PHE B 376 -5.55 -11.78 17.79
CA PHE B 376 -5.04 -12.70 18.82
C PHE B 376 -4.41 -11.96 19.98
N SER B 377 -3.56 -10.98 19.67
CA SER B 377 -2.87 -10.20 20.69
C SER B 377 -3.84 -9.46 21.61
N ALA B 378 -4.84 -8.80 21.01
CA ALA B 378 -5.85 -8.07 21.78
C ALA B 378 -6.74 -9.00 22.60
N LEU B 379 -7.12 -10.13 22.00
CA LEU B 379 -7.93 -11.13 22.70
C LEU B 379 -7.16 -11.81 23.82
N SER B 380 -5.83 -11.84 23.69
CA SER B 380 -4.95 -12.39 24.70
C SER B 380 -4.92 -11.50 25.94
N ILE B 381 -5.02 -10.20 25.73
CA ILE B 381 -5.05 -9.24 26.83
C ILE B 381 -6.39 -9.28 27.57
N LYS B 382 -7.47 -9.43 26.81
CA LYS B 382 -8.82 -9.46 27.35
C LYS B 382 -9.10 -10.73 28.15
N ASP B 383 -8.77 -11.88 27.56
CA ASP B 383 -9.04 -13.18 28.17
C ASP B 383 -7.89 -13.71 29.02
N SER B 384 -6.82 -12.92 29.12
CA SER B 384 -5.62 -13.33 29.86
C SER B 384 -5.20 -14.77 29.54
N LYS B 385 -5.19 -15.10 28.25
CA LYS B 385 -4.82 -16.42 27.76
C LYS B 385 -3.93 -16.28 26.53
N VAL B 386 -2.86 -17.05 26.49
CA VAL B 386 -1.94 -17.04 25.35
C VAL B 386 -2.14 -18.27 24.48
N ALA B 387 -2.28 -18.06 23.18
CA ALA B 387 -2.38 -19.15 22.22
C ALA B 387 -1.03 -19.87 22.11
N PRO B 388 -1.04 -21.19 21.89
CA PRO B 388 0.21 -21.94 21.82
C PRO B 388 0.87 -22.00 20.45
N THR B 389 2.11 -22.46 20.43
CA THR B 389 2.83 -22.77 19.21
C THR B 389 2.77 -24.29 19.06
N ILE B 390 1.82 -24.78 18.28
CA ILE B 390 1.65 -26.22 18.11
C ILE B 390 2.76 -26.84 17.26
N HIS B 391 2.93 -28.15 17.41
CA HIS B 391 3.97 -28.91 16.72
C HIS B 391 5.36 -28.62 17.29
N ALA B 392 5.40 -28.12 18.52
CA ALA B 392 6.65 -27.82 19.20
C ALA B 392 7.33 -29.11 19.69
N VAL B 393 7.48 -30.04 18.75
CA VAL B 393 8.02 -31.38 18.98
C VAL B 393 9.52 -31.37 19.26
N THR B 394 10.29 -30.77 18.35
CA THR B 394 11.76 -30.87 18.39
C THR B 394 12.47 -29.53 18.68
N PRO B 395 12.70 -29.21 19.97
CA PRO B 395 13.34 -27.96 20.38
C PRO B 395 14.74 -27.73 19.81
N ASP B 396 14.85 -26.76 18.91
CA ASP B 396 16.12 -26.34 18.33
C ASP B 396 16.93 -25.56 19.37
N PRO B 397 18.16 -25.99 19.67
CA PRO B 397 19.02 -25.37 20.67
C PRO B 397 19.28 -23.87 20.44
N GLU B 398 19.18 -23.42 19.19
CA GLU B 398 19.40 -22.01 18.86
C GLU B 398 18.19 -21.12 19.19
N CYS B 399 17.00 -21.68 19.02
CA CYS B 399 15.76 -20.98 19.36
C CYS B 399 15.28 -21.39 20.74
N ASP B 400 15.87 -20.78 21.77
CA ASP B 400 15.59 -21.14 23.17
C ASP B 400 14.66 -20.16 23.87
N LEU B 401 13.52 -19.88 23.25
CA LEU B 401 12.56 -18.95 23.86
C LEU B 401 11.32 -19.66 24.39
N ASP B 402 10.67 -19.01 25.35
CA ASP B 402 9.41 -19.46 25.92
C ASP B 402 8.31 -19.36 24.85
N ILE B 403 8.18 -20.41 24.04
CA ILE B 403 7.25 -20.39 22.90
C ILE B 403 5.84 -20.91 23.18
N VAL B 404 5.50 -21.12 24.45
CA VAL B 404 4.18 -21.68 24.83
C VAL B 404 3.88 -22.94 24.01
N PRO B 405 4.71 -23.99 24.17
CA PRO B 405 4.65 -25.24 23.40
C PRO B 405 3.31 -25.99 23.44
N ASN B 406 2.82 -26.33 22.25
CA ASN B 406 1.65 -27.19 22.02
C ASN B 406 0.35 -26.92 22.78
N GLU B 407 0.45 -26.33 23.97
CA GLU B 407 -0.72 -26.18 24.83
C GLU B 407 -0.89 -24.75 25.30
N ALA B 408 -2.10 -24.22 25.10
CA ALA B 408 -2.45 -22.86 25.50
C ALA B 408 -2.28 -22.67 27.00
N GLN B 409 -1.67 -21.56 27.38
CA GLN B 409 -1.45 -21.25 28.79
C GLN B 409 -2.31 -20.08 29.22
N ASP B 410 -2.53 -19.99 30.54
CA ASP B 410 -3.13 -18.80 31.11
C ASP B 410 -1.99 -17.84 31.37
N LEU B 411 -2.29 -16.54 31.40
CA LEU B 411 -1.28 -15.50 31.65
C LEU B 411 -1.92 -14.13 31.70
N ASP B 412 -1.68 -13.40 32.78
CA ASP B 412 -2.12 -12.02 32.87
C ASP B 412 -1.21 -11.14 32.02
N ILE B 413 -1.82 -10.40 31.09
CA ILE B 413 -1.08 -9.52 30.18
C ILE B 413 -1.52 -8.08 30.35
N THR B 414 -0.57 -7.16 30.35
CA THR B 414 -0.83 -5.73 30.43
C THR B 414 -0.48 -5.07 29.11
N TYR B 415 0.62 -5.53 28.51
CA TYR B 415 1.09 -5.06 27.22
C TYR B 415 1.39 -6.26 26.33
N ALA B 416 0.86 -6.22 25.11
CA ALA B 416 1.13 -7.27 24.13
C ALA B 416 1.80 -6.68 22.89
N MET B 417 2.72 -7.46 22.32
CA MET B 417 3.40 -7.07 21.10
C MET B 417 3.03 -8.02 19.98
N SER B 418 3.01 -7.50 18.76
CA SER B 418 2.82 -8.33 17.59
C SER B 418 3.85 -7.94 16.53
N ASN B 419 4.65 -8.91 16.11
CA ASN B 419 5.70 -8.70 15.12
C ASN B 419 5.31 -9.16 13.72
N SER B 420 5.75 -8.40 12.73
CA SER B 420 5.61 -8.77 11.33
C SER B 420 6.89 -8.36 10.59
N LEU B 421 7.68 -9.34 10.21
CA LEU B 421 8.98 -9.08 9.59
C LEU B 421 9.05 -9.88 8.31
N GLY B 422 8.67 -9.25 7.19
CA GLY B 422 8.50 -9.99 5.93
C GLY B 422 9.39 -9.61 4.76
N PHE B 423 9.28 -10.38 3.68
CA PHE B 423 10.02 -10.17 2.44
C PHE B 423 10.06 -8.70 2.03
N GLY B 424 11.18 -8.28 1.46
CA GLY B 424 11.38 -6.89 1.08
C GLY B 424 12.08 -6.10 2.17
N GLY B 425 12.28 -6.76 3.32
CA GLY B 425 12.96 -6.15 4.45
C GLY B 425 12.08 -5.25 5.30
N HIS B 426 10.76 -5.43 5.19
CA HIS B 426 9.80 -4.63 5.95
C HIS B 426 9.60 -5.19 7.36
N ASN B 427 9.77 -4.33 8.37
CA ASN B 427 9.48 -4.72 9.74
C ASN B 427 8.41 -3.84 10.35
N ALA B 428 7.41 -4.45 10.95
CA ALA B 428 6.31 -3.71 11.55
C ALA B 428 5.94 -4.34 12.88
N VAL B 429 5.81 -3.49 13.89
CA VAL B 429 5.47 -3.94 15.24
C VAL B 429 4.39 -3.05 15.85
N LEU B 430 3.39 -3.68 16.45
CA LEU B 430 2.34 -2.98 17.18
C LEU B 430 2.43 -3.34 18.66
N VAL B 431 2.07 -2.39 19.52
CA VAL B 431 1.96 -2.65 20.95
C VAL B 431 0.53 -2.38 21.41
N PHE B 432 -0.09 -3.38 22.02
CA PHE B 432 -1.45 -3.26 22.55
C PHE B 432 -1.40 -3.17 24.07
N LYS B 433 -2.43 -2.57 24.66
CA LYS B 433 -2.49 -2.39 26.10
C LYS B 433 -3.91 -2.59 26.66
N LYS B 434 -4.00 -3.32 27.76
CA LYS B 434 -5.26 -3.52 28.48
C LYS B 434 -5.91 -2.19 28.77
N PHE B 435 -7.19 -2.07 28.42
CA PHE B 435 -7.90 -0.81 28.61
C PHE B 435 -8.01 -0.42 30.09
N GLU B 436 -7.48 0.75 30.40
CA GLU B 436 -7.51 1.33 31.75
C GLU B 436 -8.85 2.03 32.03
N ALA B 437 -8.88 3.35 31.75
CA ALA B 437 -10.06 4.22 31.95
C ALA B 437 -9.84 5.63 31.38
#